data_1T6O
# 
_entry.id   1T6O 
# 
_audit_conform.dict_name       mmcif_pdbx.dic 
_audit_conform.dict_version    5.397 
_audit_conform.dict_location   http://mmcif.pdb.org/dictionaries/ascii/mmcif_pdbx.dic 
# 
loop_
_database_2.database_id 
_database_2.database_code 
_database_2.pdbx_database_accession 
_database_2.pdbx_DOI 
PDB   1T6O         pdb_00001t6o 10.2210/pdb1t6o/pdb 
RCSB  RCSB022379   ?            ?                   
WWPDB D_1000022379 ?            ?                   
# 
loop_
_pdbx_audit_revision_history.ordinal 
_pdbx_audit_revision_history.data_content_type 
_pdbx_audit_revision_history.major_revision 
_pdbx_audit_revision_history.minor_revision 
_pdbx_audit_revision_history.revision_date 
1 'Structure model' 1 0 2004-08-03 
2 'Structure model' 1 1 2008-04-30 
3 'Structure model' 1 2 2011-07-13 
4 'Structure model' 1 3 2021-10-27 
5 'Structure model' 1 4 2023-08-23 
6 'Structure model' 1 5 2024-10-16 
# 
_pdbx_audit_revision_details.ordinal             1 
_pdbx_audit_revision_details.revision_ordinal    1 
_pdbx_audit_revision_details.data_content_type   'Structure model' 
_pdbx_audit_revision_details.provider            repository 
_pdbx_audit_revision_details.type                'Initial release' 
_pdbx_audit_revision_details.description         ? 
_pdbx_audit_revision_details.details             ? 
# 
loop_
_pdbx_audit_revision_group.ordinal 
_pdbx_audit_revision_group.revision_ordinal 
_pdbx_audit_revision_group.data_content_type 
_pdbx_audit_revision_group.group 
1 2 'Structure model' 'Version format compliance' 
2 3 'Structure model' 'Version format compliance' 
3 4 'Structure model' 'Database references'       
4 4 'Structure model' 'Derived calculations'      
5 5 'Structure model' 'Data collection'           
6 5 'Structure model' 'Refinement description'    
7 6 'Structure model' 'Structure summary'         
# 
loop_
_pdbx_audit_revision_category.ordinal 
_pdbx_audit_revision_category.revision_ordinal 
_pdbx_audit_revision_category.data_content_type 
_pdbx_audit_revision_category.category 
1 4 'Structure model' database_2                    
2 4 'Structure model' struct_conn                   
3 4 'Structure model' struct_ref_seq_dif            
4 5 'Structure model' chem_comp_atom                
5 5 'Structure model' chem_comp_bond                
6 5 'Structure model' pdbx_initial_refinement_model 
7 6 'Structure model' pdbx_entry_details            
8 6 'Structure model' pdbx_modification_feature     
# 
loop_
_pdbx_audit_revision_item.ordinal 
_pdbx_audit_revision_item.revision_ordinal 
_pdbx_audit_revision_item.data_content_type 
_pdbx_audit_revision_item.item 
1 4 'Structure model' '_database_2.pdbx_DOI'                
2 4 'Structure model' '_database_2.pdbx_database_accession' 
3 4 'Structure model' '_struct_conn.pdbx_leaving_atom_flag' 
4 4 'Structure model' '_struct_ref_seq_dif.details'         
# 
_pdbx_database_status.status_code                     REL 
_pdbx_database_status.entry_id                        1T6O 
_pdbx_database_status.recvd_initial_deposition_date   2004-05-06 
_pdbx_database_status.deposit_site                    RCSB 
_pdbx_database_status.process_site                    RCSB 
_pdbx_database_status.status_code_sf                  REL 
_pdbx_database_status.SG_entry                        . 
_pdbx_database_status.status_code_mr                  ? 
_pdbx_database_status.pdb_format_compatible           Y 
_pdbx_database_status.status_code_cs                  ? 
_pdbx_database_status.status_code_nmr_data            ? 
_pdbx_database_status.methods_development_category    ? 
# 
loop_
_audit_author.name 
_audit_author.pdbx_ordinal 
'Kingston, R.L.'  1 
'Hamel, D.J.'     2 
'Gay, L.S.'       3 
'Dahlquist, F.W.' 4 
'Matthews, B.W.'  5 
# 
loop_
_citation.id 
_citation.title 
_citation.journal_abbrev 
_citation.journal_volume 
_citation.page_first 
_citation.page_last 
_citation.year 
_citation.journal_id_ASTM 
_citation.country 
_citation.journal_id_ISSN 
_citation.journal_id_CSD 
_citation.book_publisher 
_citation.pdbx_database_id_PubMed 
_citation.pdbx_database_id_DOI 
primary 'Structural basis for the attachment of a paramyxoviral polymerase to its template.'         Proc.Natl.Acad.Sci.USA 101 
8301 8306 2004 PNASA6 US 0027-8424 0040 ? 15159535 10.1073/pnas.0402690101 
1       'Characterization of nucleocapsid binding by the measles and the mumps virus phosphoprotein' 'To be Published'      ?   ? 
?    ?    ?      ?  ?         0353 ? ?        ?                       
# 
loop_
_citation_author.citation_id 
_citation_author.name 
_citation_author.ordinal 
_citation_author.identifier_ORCID 
primary 'Kingston, R.L.'  1 ? 
primary 'Hamel, D.J.'     2 ? 
primary 'Gay, L.S.'       3 ? 
primary 'Dahlquist, F.W.' 4 ? 
primary 'Matthews, B.W.'  5 ? 
1       'Kingston, R.L.'  6 ? 
1       'Baase, W.A.'     7 ? 
1       'Gay, L.S.'       8 ? 
# 
loop_
_entity.id 
_entity.type 
_entity.src_method 
_entity.pdbx_description 
_entity.formula_weight 
_entity.pdbx_number_of_molecules 
_entity.pdbx_ec 
_entity.pdbx_mutation 
_entity.pdbx_fragment 
_entity.details 
1 polymer man phosphoprotein 5891.055 1  ? P458G 'residues 457-507' 
;Chimeric molecule encompassing amino acids 457-507 of measles P (chain A) and 486-505 of measles N (chain B). They are connected by a flexible 8 amino acid linker (GS)4 (chain L)
;
2 polymer syn linker         594.534  1  ? ?     ?                  ? 
3 polymer man phosphoprotein 2162.453 1  ? ?     'residues 486-505' ? 
4 water   nat water          18.015   28 ? ?     ?                  ? 
# 
loop_
_entity_poly.entity_id 
_entity_poly.type 
_entity_poly.nstd_linkage 
_entity_poly.nstd_monomer 
_entity_poly.pdbx_seq_one_letter_code 
_entity_poly.pdbx_seq_one_letter_code_can 
_entity_poly.pdbx_strand_id 
_entity_poly.pdbx_target_identifier 
1 'polypeptide(L)' no no GGASRSVIRSIIKSSRLEEDRKRYLMTLLDDIKGANDLAKFHQMLMKIIMK GGASRSVIRSIIKSSRLEEDRKRYLMTLLDDIKGANDLAKFHQMLMKIIMK A 
? 
2 'polypeptide(L)' no no GSGSGSGS                                            GSGSGSGS                                            L 
? 
3 'polypeptide(L)' no no QDSRRSADALLRLQAMAGIS                                QDSRRSADALLRLQAMAGIS                                B 
? 
# 
_pdbx_entity_nonpoly.entity_id   4 
_pdbx_entity_nonpoly.name        water 
_pdbx_entity_nonpoly.comp_id     HOH 
# 
loop_
_entity_poly_seq.entity_id 
_entity_poly_seq.num 
_entity_poly_seq.mon_id 
_entity_poly_seq.hetero 
1 1  GLY n 
1 2  GLY n 
1 3  ALA n 
1 4  SER n 
1 5  ARG n 
1 6  SER n 
1 7  VAL n 
1 8  ILE n 
1 9  ARG n 
1 10 SER n 
1 11 ILE n 
1 12 ILE n 
1 13 LYS n 
1 14 SER n 
1 15 SER n 
1 16 ARG n 
1 17 LEU n 
1 18 GLU n 
1 19 GLU n 
1 20 ASP n 
1 21 ARG n 
1 22 LYS n 
1 23 ARG n 
1 24 TYR n 
1 25 LEU n 
1 26 MET n 
1 27 THR n 
1 28 LEU n 
1 29 LEU n 
1 30 ASP n 
1 31 ASP n 
1 32 ILE n 
1 33 LYS n 
1 34 GLY n 
1 35 ALA n 
1 36 ASN n 
1 37 ASP n 
1 38 LEU n 
1 39 ALA n 
1 40 LYS n 
1 41 PHE n 
1 42 HIS n 
1 43 GLN n 
1 44 MET n 
1 45 LEU n 
1 46 MET n 
1 47 LYS n 
1 48 ILE n 
1 49 ILE n 
1 50 MET n 
1 51 LYS n 
2 1  GLY n 
2 2  SER n 
2 3  GLY n 
2 4  SER n 
2 5  GLY n 
2 6  SER n 
2 7  GLY n 
2 8  SER n 
3 1  GLN n 
3 2  ASP n 
3 3  SER n 
3 4  ARG n 
3 5  ARG n 
3 6  SER n 
3 7  ALA n 
3 8  ASP n 
3 9  ALA n 
3 10 LEU n 
3 11 LEU n 
3 12 ARG n 
3 13 LEU n 
3 14 GLN n 
3 15 ALA n 
3 16 MET n 
3 17 ALA n 
3 18 GLY n 
3 19 ILE n 
3 20 SER n 
# 
loop_
_entity_src_gen.entity_id 
_entity_src_gen.pdbx_src_id 
_entity_src_gen.pdbx_alt_source_flag 
_entity_src_gen.pdbx_seq_type 
_entity_src_gen.pdbx_beg_seq_num 
_entity_src_gen.pdbx_end_seq_num 
_entity_src_gen.gene_src_common_name 
_entity_src_gen.gene_src_genus 
_entity_src_gen.pdbx_gene_src_gene 
_entity_src_gen.gene_src_species 
_entity_src_gen.gene_src_strain 
_entity_src_gen.gene_src_tissue 
_entity_src_gen.gene_src_tissue_fraction 
_entity_src_gen.gene_src_details 
_entity_src_gen.pdbx_gene_src_fragment 
_entity_src_gen.pdbx_gene_src_scientific_name 
_entity_src_gen.pdbx_gene_src_ncbi_taxonomy_id 
_entity_src_gen.pdbx_gene_src_variant 
_entity_src_gen.pdbx_gene_src_cell_line 
_entity_src_gen.pdbx_gene_src_atcc 
_entity_src_gen.pdbx_gene_src_organ 
_entity_src_gen.pdbx_gene_src_organelle 
_entity_src_gen.pdbx_gene_src_cell 
_entity_src_gen.pdbx_gene_src_cellular_location 
_entity_src_gen.host_org_common_name 
_entity_src_gen.pdbx_host_org_scientific_name 
_entity_src_gen.pdbx_host_org_ncbi_taxonomy_id 
_entity_src_gen.host_org_genus 
_entity_src_gen.pdbx_host_org_gene 
_entity_src_gen.pdbx_host_org_organ 
_entity_src_gen.host_org_species 
_entity_src_gen.pdbx_host_org_tissue 
_entity_src_gen.pdbx_host_org_tissue_fraction 
_entity_src_gen.pdbx_host_org_strain 
_entity_src_gen.pdbx_host_org_variant 
_entity_src_gen.pdbx_host_org_cell_line 
_entity_src_gen.pdbx_host_org_atcc 
_entity_src_gen.pdbx_host_org_culture_collection 
_entity_src_gen.pdbx_host_org_cell 
_entity_src_gen.pdbx_host_org_organelle 
_entity_src_gen.pdbx_host_org_cellular_location 
_entity_src_gen.pdbx_host_org_vector_type 
_entity_src_gen.pdbx_host_org_vector 
_entity_src_gen.host_org_details 
_entity_src_gen.expression_system_id 
_entity_src_gen.plasmid_name 
_entity_src_gen.plasmid_details 
_entity_src_gen.pdbx_description 
1 1 sample ? ? ? ? Morbillivirus P/V ? 'Moraten vaccine strain' ? ? ? ? 'Measles virus' 11234 ? ? ? ? ? ? ? ? 'Escherichia coli' 
562 Escherichia ? ? ? ? ? 'BL21-Star(DE3)' ? ? ? ? ? ? ? plasmid ? ? ? 'pET41a(+)' ? ? 
3 1 sample ? ? ? ? Morbillivirus N   ? 'Moraten vaccine strain' ? ? ? ? 'Measles virus' 11234 ? ? ? ? ? ? ? ? 'Escherichia coli' 
562 Escherichia ? ? ? ? ? 'BL21-Star(DE3)' ? ? ? ? ? ? ? plasmid ? ? ? 'pET41a(+)' ? ? 
# 
_pdbx_entity_src_syn.entity_id              2 
_pdbx_entity_src_syn.pdbx_src_id            1 
_pdbx_entity_src_syn.pdbx_alt_source_flag   sample 
_pdbx_entity_src_syn.pdbx_beg_seq_num       ? 
_pdbx_entity_src_syn.pdbx_end_seq_num       ? 
_pdbx_entity_src_syn.organism_scientific    ? 
_pdbx_entity_src_syn.organism_common_name   ? 
_pdbx_entity_src_syn.ncbi_taxonomy_id       ? 
_pdbx_entity_src_syn.details                'synthetic linker' 
# 
loop_
_chem_comp.id 
_chem_comp.type 
_chem_comp.mon_nstd_flag 
_chem_comp.name 
_chem_comp.pdbx_synonyms 
_chem_comp.formula 
_chem_comp.formula_weight 
ALA 'L-peptide linking' y ALANINE         ? 'C3 H7 N O2'     89.093  
ARG 'L-peptide linking' y ARGININE        ? 'C6 H15 N4 O2 1' 175.209 
ASN 'L-peptide linking' y ASPARAGINE      ? 'C4 H8 N2 O3'    132.118 
ASP 'L-peptide linking' y 'ASPARTIC ACID' ? 'C4 H7 N O4'     133.103 
GLN 'L-peptide linking' y GLUTAMINE       ? 'C5 H10 N2 O3'   146.144 
GLU 'L-peptide linking' y 'GLUTAMIC ACID' ? 'C5 H9 N O4'     147.129 
GLY 'peptide linking'   y GLYCINE         ? 'C2 H5 N O2'     75.067  
HIS 'L-peptide linking' y HISTIDINE       ? 'C6 H10 N3 O2 1' 156.162 
HOH non-polymer         . WATER           ? 'H2 O'           18.015  
ILE 'L-peptide linking' y ISOLEUCINE      ? 'C6 H13 N O2'    131.173 
LEU 'L-peptide linking' y LEUCINE         ? 'C6 H13 N O2'    131.173 
LYS 'L-peptide linking' y LYSINE          ? 'C6 H15 N2 O2 1' 147.195 
MET 'L-peptide linking' y METHIONINE      ? 'C5 H11 N O2 S'  149.211 
PHE 'L-peptide linking' y PHENYLALANINE   ? 'C9 H11 N O2'    165.189 
PRO 'L-peptide linking' y PROLINE         ? 'C5 H9 N O2'     115.130 
SER 'L-peptide linking' y SERINE          ? 'C3 H7 N O3'     105.093 
THR 'L-peptide linking' y THREONINE       ? 'C4 H9 N O3'     119.119 
TYR 'L-peptide linking' y TYROSINE        ? 'C9 H11 N O3'    181.189 
VAL 'L-peptide linking' y VALINE          ? 'C5 H11 N O2'    117.146 
# 
loop_
_pdbx_poly_seq_scheme.asym_id 
_pdbx_poly_seq_scheme.entity_id 
_pdbx_poly_seq_scheme.seq_id 
_pdbx_poly_seq_scheme.mon_id 
_pdbx_poly_seq_scheme.ndb_seq_num 
_pdbx_poly_seq_scheme.pdb_seq_num 
_pdbx_poly_seq_scheme.auth_seq_num 
_pdbx_poly_seq_scheme.pdb_mon_id 
_pdbx_poly_seq_scheme.auth_mon_id 
_pdbx_poly_seq_scheme.pdb_strand_id 
_pdbx_poly_seq_scheme.pdb_ins_code 
_pdbx_poly_seq_scheme.hetero 
A 1 1  GLY 1  457 ?   ?   ?   A . n 
A 1 2  GLY 2  458 458 GLY GLY A . n 
A 1 3  ALA 3  459 459 ALA ALA A . n 
A 1 4  SER 4  460 460 SER SER A . n 
A 1 5  ARG 5  461 461 ARG ARG A . n 
A 1 6  SER 6  462 462 SER SER A . n 
A 1 7  VAL 7  463 463 VAL VAL A . n 
A 1 8  ILE 8  464 464 ILE ILE A . n 
A 1 9  ARG 9  465 465 ARG ARG A . n 
A 1 10 SER 10 466 466 SER SER A . n 
A 1 11 ILE 11 467 467 ILE ILE A . n 
A 1 12 ILE 12 468 468 ILE ILE A . n 
A 1 13 LYS 13 469 469 LYS LYS A . n 
A 1 14 SER 14 470 470 SER SER A . n 
A 1 15 SER 15 471 471 SER SER A . n 
A 1 16 ARG 16 472 472 ARG ARG A . n 
A 1 17 LEU 17 473 473 LEU LEU A . n 
A 1 18 GLU 18 474 474 GLU GLU A . n 
A 1 19 GLU 19 475 475 GLU GLU A . n 
A 1 20 ASP 20 476 476 ASP ASP A . n 
A 1 21 ARG 21 477 477 ARG ARG A . n 
A 1 22 LYS 22 478 478 LYS LYS A . n 
A 1 23 ARG 23 479 479 ARG ARG A . n 
A 1 24 TYR 24 480 480 TYR TYR A . n 
A 1 25 LEU 25 481 481 LEU LEU A . n 
A 1 26 MET 26 482 482 MET MET A . n 
A 1 27 THR 27 483 483 THR THR A . n 
A 1 28 LEU 28 484 484 LEU LEU A . n 
A 1 29 LEU 29 485 485 LEU LEU A . n 
A 1 30 ASP 30 486 486 ASP ASP A . n 
A 1 31 ASP 31 487 487 ASP ASP A . n 
A 1 32 ILE 32 488 488 ILE ILE A . n 
A 1 33 LYS 33 489 489 LYS LYS A . n 
A 1 34 GLY 34 490 490 GLY GLY A . n 
A 1 35 ALA 35 491 491 ALA ALA A . n 
A 1 36 ASN 36 492 492 ASN ASN A . n 
A 1 37 ASP 37 493 493 ASP ASP A . n 
A 1 38 LEU 38 494 494 LEU LEU A . n 
A 1 39 ALA 39 495 495 ALA ALA A . n 
A 1 40 LYS 40 496 496 LYS LYS A . n 
A 1 41 PHE 41 497 497 PHE PHE A . n 
A 1 42 HIS 42 498 498 HIS HIS A . n 
A 1 43 GLN 43 499 499 GLN GLN A . n 
A 1 44 MET 44 500 500 MET MET A . n 
A 1 45 LEU 45 501 501 LEU LEU A . n 
A 1 46 MET 46 502 502 MET MET A . n 
A 1 47 LYS 47 503 503 LYS LYS A . n 
A 1 48 ILE 48 504 504 ILE ILE A . n 
A 1 49 ILE 49 505 505 ILE ILE A . n 
A 1 50 MET 50 506 506 MET MET A . n 
A 1 51 LYS 51 507 ?   ?   ?   A . n 
B 2 1  GLY 1  478 ?   ?   ?   L . n 
B 2 2  SER 2  479 ?   ?   ?   L . n 
B 2 3  GLY 3  480 ?   ?   ?   L . n 
B 2 4  SER 4  481 ?   ?   ?   L . n 
B 2 5  GLY 5  482 ?   ?   ?   L . n 
B 2 6  SER 6  483 ?   ?   ?   L . n 
B 2 7  GLY 7  484 484 GLY GLY L . n 
B 2 8  SER 8  485 485 SER SER L . n 
C 3 1  GLN 1  486 486 GLN GLN B . n 
C 3 2  ASP 2  487 487 ASP ASP B . n 
C 3 3  SER 3  488 488 SER SER B . n 
C 3 4  ARG 4  489 489 ARG ARG B . n 
C 3 5  ARG 5  490 490 ARG ARG B . n 
C 3 6  SER 6  491 491 SER SER B . n 
C 3 7  ALA 7  492 492 ALA ALA B . n 
C 3 8  ASP 8  493 493 ASP ASP B . n 
C 3 9  ALA 9  494 494 ALA ALA B . n 
C 3 10 LEU 10 495 495 LEU LEU B . n 
C 3 11 LEU 11 496 496 LEU LEU B . n 
C 3 12 ARG 12 497 497 ARG ARG B . n 
C 3 13 LEU 13 498 498 LEU LEU B . n 
C 3 14 GLN 14 499 499 GLN GLN B . n 
C 3 15 ALA 15 500 500 ALA ALA B . n 
C 3 16 MET 16 501 501 MET MET B . n 
C 3 17 ALA 17 502 502 ALA ALA B . n 
C 3 18 GLY 18 503 503 GLY GLY B . n 
C 3 19 ILE 19 504 504 ILE ILE B . n 
C 3 20 SER 20 505 ?   ?   ?   B . n 
# 
loop_
_pdbx_nonpoly_scheme.asym_id 
_pdbx_nonpoly_scheme.entity_id 
_pdbx_nonpoly_scheme.mon_id 
_pdbx_nonpoly_scheme.ndb_seq_num 
_pdbx_nonpoly_scheme.pdb_seq_num 
_pdbx_nonpoly_scheme.auth_seq_num 
_pdbx_nonpoly_scheme.pdb_mon_id 
_pdbx_nonpoly_scheme.auth_mon_id 
_pdbx_nonpoly_scheme.pdb_strand_id 
_pdbx_nonpoly_scheme.pdb_ins_code 
D 4 HOH 1  600 600 HOH HOH A . 
D 4 HOH 2  601 601 HOH HOH A . 
D 4 HOH 3  602 602 HOH HOH A . 
D 4 HOH 4  603 603 HOH HOH A . 
D 4 HOH 5  605 605 HOH HOH A . 
D 4 HOH 6  606 606 HOH HOH A . 
D 4 HOH 7  607 607 HOH HOH A . 
D 4 HOH 8  609 609 HOH HOH A . 
D 4 HOH 9  610 610 HOH HOH A . 
D 4 HOH 10 620 620 HOH HOH A . 
D 4 HOH 11 621 621 HOH HOH A . 
D 4 HOH 12 622 622 HOH HOH A . 
D 4 HOH 13 623 623 HOH HOH A . 
D 4 HOH 14 624 624 HOH HOH A . 
D 4 HOH 15 625 625 HOH HOH A . 
D 4 HOH 16 627 627 HOH HOH A . 
D 4 HOH 17 628 628 HOH HOH A . 
D 4 HOH 18 629 629 HOH HOH A . 
D 4 HOH 19 630 630 HOH HOH A . 
D 4 HOH 20 631 631 HOH HOH A . 
D 4 HOH 21 634 634 HOH HOH A . 
D 4 HOH 22 635 635 HOH HOH A . 
D 4 HOH 23 636 636 HOH HOH A . 
D 4 HOH 24 637 637 HOH HOH A . 
D 4 HOH 25 638 638 HOH HOH A . 
E 4 HOH 1  618 618 HOH HOH B . 
E 4 HOH 2  626 626 HOH HOH B . 
E 4 HOH 3  632 632 HOH HOH B . 
# 
loop_
_software.name 
_software.classification 
_software.version 
_software.citation_id 
_software.pdbx_ordinal 
DENZO     'data reduction' . ? 1 
SCALEPACK 'data scaling'   . ? 2 
EPMR      phasing          . ? 3 
TNT       refinement       . ? 4 
# 
_cell.entry_id           1T6O 
_cell.length_a           42.226 
_cell.length_b           42.226 
_cell.length_c           81.778 
_cell.angle_alpha        90.00 
_cell.angle_beta         90.00 
_cell.angle_gamma        90.00 
_cell.Z_PDB              8 
_cell.pdbx_unique_axis   ? 
_cell.length_a_esd       ? 
_cell.length_b_esd       ? 
_cell.length_c_esd       ? 
_cell.angle_alpha_esd    ? 
_cell.angle_beta_esd     ? 
_cell.angle_gamma_esd    ? 
# 
_symmetry.entry_id                         1T6O 
_symmetry.space_group_name_H-M             'P 41 21 2' 
_symmetry.pdbx_full_space_group_name_H-M   ? 
_symmetry.cell_setting                     ? 
_symmetry.Int_Tables_number                92 
_symmetry.space_group_name_Hall            ? 
# 
_exptl.entry_id          1T6O 
_exptl.method            'X-RAY DIFFRACTION' 
_exptl.crystals_number   1 
# 
_exptl_crystal.id                    1 
_exptl_crystal.density_meas          ? 
_exptl_crystal.density_percent_sol   41.64 
_exptl_crystal.description           ? 
_exptl_crystal.density_Matthews      2.11 
_exptl_crystal.F_000                 ? 
_exptl_crystal.preparation           ? 
# 
_exptl_crystal_grow.crystal_id      1 
_exptl_crystal_grow.method          'VAPOR DIFFUSION' 
_exptl_crystal_grow.temp            296 
_exptl_crystal_grow.temp_details    ? 
_exptl_crystal_grow.pH              9.1 
_exptl_crystal_grow.pdbx_details    
'0.2M AMPSO/KOH buffer, 0.5 - 1.0 M Ammonium sulfate, pH 9.1, VAPOR DIFFUSION, temperature 296K' 
_exptl_crystal_grow.pdbx_pH_range   . 
# 
_diffrn.id                     1 
_diffrn.ambient_temp           298 
_diffrn.ambient_temp_details   ? 
_diffrn.crystal_id             1 
# 
_diffrn_detector.diffrn_id              1 
_diffrn_detector.detector               'IMAGE PLATE' 
_diffrn_detector.type                   'RIGAKU RAXIS IV' 
_diffrn_detector.pdbx_collection_date   2004-03-04 
_diffrn_detector.details                ? 
# 
_diffrn_radiation.diffrn_id                        1 
_diffrn_radiation.wavelength_id                    1 
_diffrn_radiation.pdbx_monochromatic_or_laue_m_l   M 
_diffrn_radiation.monochromator                    Graphite 
_diffrn_radiation.pdbx_diffrn_protocol             'SINGLE WAVELENGTH' 
_diffrn_radiation.pdbx_scattering_type             x-ray 
# 
_diffrn_radiation_wavelength.id           1 
_diffrn_radiation_wavelength.wavelength   1.5418 
_diffrn_radiation_wavelength.wt           1.0 
# 
_diffrn_source.diffrn_id                   1 
_diffrn_source.source                      'ROTATING ANODE' 
_diffrn_source.type                        RIGAKU 
_diffrn_source.pdbx_synchrotron_site       ? 
_diffrn_source.pdbx_synchrotron_beamline   ? 
_diffrn_source.pdbx_wavelength             ? 
_diffrn_source.pdbx_wavelength_list        1.5418 
# 
_reflns.entry_id                     1T6O 
_reflns.observed_criterion_sigma_F   0.0 
_reflns.observed_criterion_sigma_I   0.0 
_reflns.d_resolution_high            2.0 
_reflns.d_resolution_low             25.0 
_reflns.number_all                   5306 
_reflns.number_obs                   5306 
_reflns.percent_possible_obs         97.5 
_reflns.pdbx_Rmerge_I_obs            ? 
_reflns.pdbx_Rsym_value              ? 
_reflns.pdbx_netI_over_sigmaI        ? 
_reflns.B_iso_Wilson_estimate        ? 
_reflns.pdbx_redundancy              ? 
_reflns.R_free_details               ? 
_reflns.limit_h_max                  ? 
_reflns.limit_h_min                  ? 
_reflns.limit_k_max                  ? 
_reflns.limit_k_min                  ? 
_reflns.limit_l_max                  ? 
_reflns.limit_l_min                  ? 
_reflns.observed_criterion_F_max     ? 
_reflns.observed_criterion_F_min     ? 
_reflns.pdbx_chi_squared             ? 
_reflns.pdbx_scaling_rejects         ? 
_reflns.pdbx_diffrn_id               1 
_reflns.pdbx_ordinal                 1 
# 
_reflns_shell.d_res_high             2.00 
_reflns_shell.d_res_low              2.03 
_reflns_shell.percent_possible_all   96.4 
_reflns_shell.Rmerge_I_obs           ? 
_reflns_shell.pdbx_Rsym_value        ? 
_reflns_shell.meanI_over_sigI_obs    ? 
_reflns_shell.pdbx_redundancy        ? 
_reflns_shell.percent_possible_obs   ? 
_reflns_shell.number_unique_all      ? 
_reflns_shell.number_measured_all    ? 
_reflns_shell.number_measured_obs    ? 
_reflns_shell.number_unique_obs      ? 
_reflns_shell.pdbx_chi_squared       ? 
_reflns_shell.pdbx_diffrn_id         ? 
_reflns_shell.pdbx_ordinal           1 
# 
_refine.entry_id                                 1T6O 
_refine.ls_d_res_high                            2.0 
_refine.ls_d_res_low                             25 
_refine.pdbx_ls_sigma_F                          0.0 
_refine.pdbx_ls_sigma_I                          0.0 
_refine.ls_number_reflns_all                     5306 
_refine.ls_number_reflns_obs                     5306 
_refine.ls_number_reflns_R_free                  307 
_refine.ls_percent_reflns_obs                    97.5 
_refine.ls_R_factor_all                          0.232 
_refine.ls_R_factor_obs                          0.232 
_refine.ls_R_factor_R_work                       0.23 
_refine.ls_R_factor_R_free                       0.275 
_refine.ls_redundancy_reflns_obs                 ? 
_refine.pdbx_data_cutoff_high_absF               ? 
_refine.pdbx_data_cutoff_low_absF                ? 
_refine.ls_number_parameters                     ? 
_refine.ls_number_restraints                     ? 
_refine.ls_percent_reflns_R_free                 ? 
_refine.ls_R_factor_R_free_error                 ? 
_refine.ls_R_factor_R_free_error_details         ? 
_refine.pdbx_method_to_determine_struct          'MOLECULAR REPLACEMENT' 
_refine.pdbx_starting_model                      1OKS.pdb 
_refine.pdbx_ls_cross_valid_method               'test set omitted from all refinement' 
_refine.pdbx_R_Free_selection_details            RANDOM 
_refine.pdbx_stereochem_target_val_spec_case     ? 
_refine.pdbx_stereochemistry_target_values       'Engh & Huber' 
_refine.solvent_model_details                    'Moews & Kretsinger' 
_refine.solvent_model_param_bsol                 300 
_refine.solvent_model_param_ksol                 0.85 
_refine.occupancy_max                            ? 
_refine.occupancy_min                            ? 
_refine.pdbx_isotropic_thermal_model             'Individual Isotropic B' 
_refine.B_iso_mean                               ? 
_refine.aniso_B[1][1]                            -2.884 
_refine.aniso_B[1][2]                            0.000 
_refine.aniso_B[1][3]                            0.000 
_refine.aniso_B[2][2]                            -2.884 
_refine.aniso_B[2][3]                            0.000 
_refine.aniso_B[3][3]                            5.768 
_refine.details                                  ? 
_refine.B_iso_min                                ? 
_refine.B_iso_max                                ? 
_refine.correlation_coeff_Fo_to_Fc               ? 
_refine.correlation_coeff_Fo_to_Fc_free          ? 
_refine.pdbx_solvent_vdw_probe_radii             ? 
_refine.pdbx_solvent_ion_probe_radii             ? 
_refine.pdbx_solvent_shrinkage_radii             ? 
_refine.overall_SU_R_Cruickshank_DPI             ? 
_refine.overall_SU_R_free                        ? 
_refine.overall_SU_B                             ? 
_refine.overall_SU_ML                            ? 
_refine.pdbx_overall_ESU_R                       ? 
_refine.pdbx_overall_ESU_R_Free                  ? 
_refine.pdbx_data_cutoff_high_rms_absF           ? 
_refine.ls_wR_factor_R_free                      ? 
_refine.ls_wR_factor_R_work                      ? 
_refine.overall_FOM_free_R_set                   ? 
_refine.overall_FOM_work_R_set                   ? 
_refine.pdbx_overall_phase_error                 ? 
_refine.pdbx_refine_id                           'X-RAY DIFFRACTION' 
_refine.pdbx_diffrn_id                           1 
_refine.pdbx_TLS_residual_ADP_flag               ? 
_refine.pdbx_overall_SU_R_free_Cruickshank_DPI   ? 
_refine.pdbx_overall_SU_R_Blow_DPI               ? 
_refine.pdbx_overall_SU_R_free_Blow_DPI          ? 
# 
_refine_hist.pdbx_refine_id                   'X-RAY DIFFRACTION' 
_refine_hist.cycle_id                         LAST 
_refine_hist.pdbx_number_atoms_protein        548 
_refine_hist.pdbx_number_atoms_nucleic_acid   0 
_refine_hist.pdbx_number_atoms_ligand         0 
_refine_hist.number_atoms_solvent             28 
_refine_hist.number_atoms_total               576 
_refine_hist.d_res_high                       2.0 
_refine_hist.d_res_low                        25 
# 
loop_
_refine_ls_restr.type 
_refine_ls_restr.dev_ideal 
_refine_ls_restr.dev_ideal_target 
_refine_ls_restr.weight 
_refine_ls_restr.number 
_refine_ls_restr.pdbx_refine_id 
_refine_ls_restr.pdbx_restraint_function 
t_bond_d    0.004827 ? ? ? 'X-RAY DIFFRACTION' ? 
t_angle_deg 0.84607  ? ? ? 'X-RAY DIFFRACTION' ? 
# 
loop_
_pdbx_xplor_file.serial_no 
_pdbx_xplor_file.param_file 
_pdbx_xplor_file.topol_file 
_pdbx_xplor_file.pdbx_refine_id 
1 protein_rep.param ? 'X-RAY DIFFRACTION' 
2 water_rep.param   ? 'X-RAY DIFFRACTION' 
# 
_struct.entry_id                  1T6O 
_struct.title                     
;Nucleocapsid-binding domain of the measles virus P protein (amino acids 457-507) in complex with amino acids 486-505 of the measles virus N protein
;
_struct.pdbx_model_details        ? 
_struct.pdbx_CASP_flag            ? 
_struct.pdbx_model_type_details   ? 
# 
_struct_keywords.entry_id        1T6O 
_struct_keywords.pdbx_keywords   'VIRAL PROTEIN' 
_struct_keywords.text            'four helix bundle, Viral protein' 
# 
loop_
_struct_asym.id 
_struct_asym.pdbx_blank_PDB_chainid_flag 
_struct_asym.pdbx_modified 
_struct_asym.entity_id 
_struct_asym.details 
A N N 1 ? 
B N N 2 ? 
C N N 3 ? 
D N N 4 ? 
E N N 4 ? 
# 
loop_
_struct_ref.id 
_struct_ref.db_name 
_struct_ref.db_code 
_struct_ref.pdbx_db_accession 
_struct_ref.entity_id 
_struct_ref.pdbx_seq_one_letter_code 
_struct_ref.pdbx_align_begin 
_struct_ref.pdbx_db_isoform 
1 GB  AAF85668 9181875 1 GPASRSVIRSIIKSSRLEEDRKRYLMTLLDDIKGANDLAKFHQMLMKIIMK 457 ? 
2 GB  AAF85667 9181874 3 QDSRRSADALLRLQAMAGIS                                486 ? 
3 PDB 1T6O     1T6O    2 GSGSGSGS                                            1   ? 
# 
loop_
_struct_ref_seq.align_id 
_struct_ref_seq.ref_id 
_struct_ref_seq.pdbx_PDB_id_code 
_struct_ref_seq.pdbx_strand_id 
_struct_ref_seq.seq_align_beg 
_struct_ref_seq.pdbx_seq_align_beg_ins_code 
_struct_ref_seq.seq_align_end 
_struct_ref_seq.pdbx_seq_align_end_ins_code 
_struct_ref_seq.pdbx_db_accession 
_struct_ref_seq.db_align_beg 
_struct_ref_seq.pdbx_db_align_beg_ins_code 
_struct_ref_seq.db_align_end 
_struct_ref_seq.pdbx_db_align_end_ins_code 
_struct_ref_seq.pdbx_auth_seq_align_beg 
_struct_ref_seq.pdbx_auth_seq_align_end 
1 1 1T6O A 1 ? 51 ? 9181875 457 ? 507 ? 457 507 
2 2 1T6O B 1 ? 20 ? 9181874 486 ? 505 ? 486 505 
3 3 1T6O L 1 ? 8  ? 1T6O    478 ? 485 ? 478 485 
# 
_struct_ref_seq_dif.align_id                     1 
_struct_ref_seq_dif.pdbx_pdb_id_code             1T6O 
_struct_ref_seq_dif.mon_id                       GLY 
_struct_ref_seq_dif.pdbx_pdb_strand_id           A 
_struct_ref_seq_dif.seq_num                      2 
_struct_ref_seq_dif.pdbx_pdb_ins_code            ? 
_struct_ref_seq_dif.pdbx_seq_db_name             GB 
_struct_ref_seq_dif.pdbx_seq_db_accession_code   9181875 
_struct_ref_seq_dif.db_mon_id                    PRO 
_struct_ref_seq_dif.pdbx_seq_db_seq_num          458 
_struct_ref_seq_dif.details                      'engineered mutation' 
_struct_ref_seq_dif.pdbx_auth_seq_num            458 
_struct_ref_seq_dif.pdbx_ordinal                 1 
# 
_pdbx_struct_assembly.id                   1 
_pdbx_struct_assembly.details              author_defined_assembly 
_pdbx_struct_assembly.method_details       ? 
_pdbx_struct_assembly.oligomeric_details   trimeric 
_pdbx_struct_assembly.oligomeric_count     3 
# 
_pdbx_struct_assembly_gen.assembly_id       1 
_pdbx_struct_assembly_gen.oper_expression   1 
_pdbx_struct_assembly_gen.asym_id_list      A,B,C,D,E 
# 
_pdbx_struct_oper_list.id                   1 
_pdbx_struct_oper_list.type                 'identity operation' 
_pdbx_struct_oper_list.name                 1_555 
_pdbx_struct_oper_list.symmetry_operation   x,y,z 
_pdbx_struct_oper_list.matrix[1][1]         1.0000000000 
_pdbx_struct_oper_list.matrix[1][2]         0.0000000000 
_pdbx_struct_oper_list.matrix[1][3]         0.0000000000 
_pdbx_struct_oper_list.vector[1]            0.0000000000 
_pdbx_struct_oper_list.matrix[2][1]         0.0000000000 
_pdbx_struct_oper_list.matrix[2][2]         1.0000000000 
_pdbx_struct_oper_list.matrix[2][3]         0.0000000000 
_pdbx_struct_oper_list.vector[2]            0.0000000000 
_pdbx_struct_oper_list.matrix[3][1]         0.0000000000 
_pdbx_struct_oper_list.matrix[3][2]         0.0000000000 
_pdbx_struct_oper_list.matrix[3][3]         1.0000000000 
_pdbx_struct_oper_list.vector[3]            0.0000000000 
# 
loop_
_struct_conf.conf_type_id 
_struct_conf.id 
_struct_conf.pdbx_PDB_helix_id 
_struct_conf.beg_label_comp_id 
_struct_conf.beg_label_asym_id 
_struct_conf.beg_label_seq_id 
_struct_conf.pdbx_beg_PDB_ins_code 
_struct_conf.end_label_comp_id 
_struct_conf.end_label_asym_id 
_struct_conf.end_label_seq_id 
_struct_conf.pdbx_end_PDB_ins_code 
_struct_conf.beg_auth_comp_id 
_struct_conf.beg_auth_asym_id 
_struct_conf.beg_auth_seq_id 
_struct_conf.end_auth_comp_id 
_struct_conf.end_auth_asym_id 
_struct_conf.end_auth_seq_id 
_struct_conf.pdbx_PDB_helix_class 
_struct_conf.details 
_struct_conf.pdbx_PDB_helix_length 
HELX_P HELX_P1 1 SER A 4  ? SER A 15 ? SER A 460 SER A 471 1 ? 12 
HELX_P HELX_P2 2 GLU A 18 ? ILE A 32 ? GLU A 474 ILE A 488 1 ? 15 
HELX_P HELX_P3 3 GLY A 34 ? MET A 50 ? GLY A 490 MET A 506 1 ? 17 
HELX_P HELX_P4 4 GLN C 1  ? GLY C 18 ? GLN B 486 GLY B 503 1 ? 18 
# 
_struct_conf_type.id          HELX_P 
_struct_conf_type.criteria    ? 
_struct_conf_type.reference   ? 
# 
_struct_conn.id                            covale1 
_struct_conn.conn_type_id                  covale 
_struct_conn.pdbx_leaving_atom_flag        both 
_struct_conn.pdbx_PDB_id                   ? 
_struct_conn.ptnr1_label_asym_id           B 
_struct_conn.ptnr1_label_comp_id           SER 
_struct_conn.ptnr1_label_seq_id            8 
_struct_conn.ptnr1_label_atom_id           C 
_struct_conn.pdbx_ptnr1_label_alt_id       ? 
_struct_conn.pdbx_ptnr1_PDB_ins_code       ? 
_struct_conn.pdbx_ptnr1_standard_comp_id   ? 
_struct_conn.ptnr1_symmetry                1_555 
_struct_conn.ptnr2_label_asym_id           C 
_struct_conn.ptnr2_label_comp_id           GLN 
_struct_conn.ptnr2_label_seq_id            1 
_struct_conn.ptnr2_label_atom_id           N 
_struct_conn.pdbx_ptnr2_label_alt_id       ? 
_struct_conn.pdbx_ptnr2_PDB_ins_code       ? 
_struct_conn.ptnr1_auth_asym_id            L 
_struct_conn.ptnr1_auth_comp_id            SER 
_struct_conn.ptnr1_auth_seq_id             485 
_struct_conn.ptnr2_auth_asym_id            B 
_struct_conn.ptnr2_auth_comp_id            GLN 
_struct_conn.ptnr2_auth_seq_id             486 
_struct_conn.ptnr2_symmetry                1_555 
_struct_conn.pdbx_ptnr3_label_atom_id      ? 
_struct_conn.pdbx_ptnr3_label_seq_id       ? 
_struct_conn.pdbx_ptnr3_label_comp_id      ? 
_struct_conn.pdbx_ptnr3_label_asym_id      ? 
_struct_conn.pdbx_ptnr3_label_alt_id       ? 
_struct_conn.pdbx_ptnr3_PDB_ins_code       ? 
_struct_conn.details                       ? 
_struct_conn.pdbx_dist_value               1.330 
_struct_conn.pdbx_value_order              ? 
_struct_conn.pdbx_role                     ? 
# 
_struct_conn_type.id          covale 
_struct_conn_type.criteria    ? 
_struct_conn_type.reference   ? 
# 
_pdbx_modification_feature.ordinal                            1 
_pdbx_modification_feature.label_comp_id                      SER 
_pdbx_modification_feature.label_asym_id                      B 
_pdbx_modification_feature.label_seq_id                       8 
_pdbx_modification_feature.label_alt_id                       ? 
_pdbx_modification_feature.modified_residue_label_comp_id     GLN 
_pdbx_modification_feature.modified_residue_label_asym_id     C 
_pdbx_modification_feature.modified_residue_label_seq_id      1 
_pdbx_modification_feature.modified_residue_label_alt_id      ? 
_pdbx_modification_feature.auth_comp_id                       SER 
_pdbx_modification_feature.auth_asym_id                       L 
_pdbx_modification_feature.auth_seq_id                        485 
_pdbx_modification_feature.PDB_ins_code                       ? 
_pdbx_modification_feature.symmetry                           1_555 
_pdbx_modification_feature.modified_residue_auth_comp_id      GLN 
_pdbx_modification_feature.modified_residue_auth_asym_id      B 
_pdbx_modification_feature.modified_residue_auth_seq_id       486 
_pdbx_modification_feature.modified_residue_PDB_ins_code      ? 
_pdbx_modification_feature.modified_residue_symmetry          1_555 
_pdbx_modification_feature.comp_id_linking_atom               C 
_pdbx_modification_feature.modified_residue_id_linking_atom   N 
_pdbx_modification_feature.modified_residue_id                . 
_pdbx_modification_feature.ref_pcm_id                         . 
_pdbx_modification_feature.ref_comp_id                        . 
_pdbx_modification_feature.type                               None 
_pdbx_modification_feature.category                           'Non-standard linkage' 
# 
_pdbx_entry_details.entry_id                   1T6O 
_pdbx_entry_details.compound_details           ? 
_pdbx_entry_details.source_details             ? 
_pdbx_entry_details.nonpolymer_details         ? 
_pdbx_entry_details.sequence_details           ? 
_pdbx_entry_details.has_ligand_of_interest     ? 
_pdbx_entry_details.has_protein_modification   Y 
# 
_pdbx_database_remark.id     999 
_pdbx_database_remark.text   
;SEQUENCE
Structure of a chimeric molecule encompassing amino 
acids 457-507 of measles P and 486-505 of measles N. 
They are connected by a flexible 8 amino acid linker 
(GS)4, which is largely disordered in the crystal 
structure. The asymmetric unit of the crystal contains 
the P moiety from one molecule (chain A) bound to the 
N moiety of a different molecule (Chain B). Link 
record between chain A and L is not provided since the 
part of the chain L which is linked to chain A is missing 
from the coordinates due to lack of electron density.
;
# 
loop_
_pdbx_unobs_or_zero_occ_residues.id 
_pdbx_unobs_or_zero_occ_residues.PDB_model_num 
_pdbx_unobs_or_zero_occ_residues.polymer_flag 
_pdbx_unobs_or_zero_occ_residues.occupancy_flag 
_pdbx_unobs_or_zero_occ_residues.auth_asym_id 
_pdbx_unobs_or_zero_occ_residues.auth_comp_id 
_pdbx_unobs_or_zero_occ_residues.auth_seq_id 
_pdbx_unobs_or_zero_occ_residues.PDB_ins_code 
_pdbx_unobs_or_zero_occ_residues.label_asym_id 
_pdbx_unobs_or_zero_occ_residues.label_comp_id 
_pdbx_unobs_or_zero_occ_residues.label_seq_id 
1 1 Y 1 A GLY 457 ? A GLY 1  
2 1 Y 1 A LYS 507 ? A LYS 51 
3 1 Y 1 L GLY 478 ? B GLY 1  
4 1 Y 1 L SER 479 ? B SER 2  
5 1 Y 1 L GLY 480 ? B GLY 3  
6 1 Y 1 L SER 481 ? B SER 4  
7 1 Y 1 L GLY 482 ? B GLY 5  
8 1 Y 1 L SER 483 ? B SER 6  
9 1 Y 1 B SER 505 ? C SER 20 
# 
loop_
_chem_comp_atom.comp_id 
_chem_comp_atom.atom_id 
_chem_comp_atom.type_symbol 
_chem_comp_atom.pdbx_aromatic_flag 
_chem_comp_atom.pdbx_stereo_config 
_chem_comp_atom.pdbx_ordinal 
ALA N    N N N 1   
ALA CA   C N S 2   
ALA C    C N N 3   
ALA O    O N N 4   
ALA CB   C N N 5   
ALA OXT  O N N 6   
ALA H    H N N 7   
ALA H2   H N N 8   
ALA HA   H N N 9   
ALA HB1  H N N 10  
ALA HB2  H N N 11  
ALA HB3  H N N 12  
ALA HXT  H N N 13  
ARG N    N N N 14  
ARG CA   C N S 15  
ARG C    C N N 16  
ARG O    O N N 17  
ARG CB   C N N 18  
ARG CG   C N N 19  
ARG CD   C N N 20  
ARG NE   N N N 21  
ARG CZ   C N N 22  
ARG NH1  N N N 23  
ARG NH2  N N N 24  
ARG OXT  O N N 25  
ARG H    H N N 26  
ARG H2   H N N 27  
ARG HA   H N N 28  
ARG HB2  H N N 29  
ARG HB3  H N N 30  
ARG HG2  H N N 31  
ARG HG3  H N N 32  
ARG HD2  H N N 33  
ARG HD3  H N N 34  
ARG HE   H N N 35  
ARG HH11 H N N 36  
ARG HH12 H N N 37  
ARG HH21 H N N 38  
ARG HH22 H N N 39  
ARG HXT  H N N 40  
ASN N    N N N 41  
ASN CA   C N S 42  
ASN C    C N N 43  
ASN O    O N N 44  
ASN CB   C N N 45  
ASN CG   C N N 46  
ASN OD1  O N N 47  
ASN ND2  N N N 48  
ASN OXT  O N N 49  
ASN H    H N N 50  
ASN H2   H N N 51  
ASN HA   H N N 52  
ASN HB2  H N N 53  
ASN HB3  H N N 54  
ASN HD21 H N N 55  
ASN HD22 H N N 56  
ASN HXT  H N N 57  
ASP N    N N N 58  
ASP CA   C N S 59  
ASP C    C N N 60  
ASP O    O N N 61  
ASP CB   C N N 62  
ASP CG   C N N 63  
ASP OD1  O N N 64  
ASP OD2  O N N 65  
ASP OXT  O N N 66  
ASP H    H N N 67  
ASP H2   H N N 68  
ASP HA   H N N 69  
ASP HB2  H N N 70  
ASP HB3  H N N 71  
ASP HD2  H N N 72  
ASP HXT  H N N 73  
GLN N    N N N 74  
GLN CA   C N S 75  
GLN C    C N N 76  
GLN O    O N N 77  
GLN CB   C N N 78  
GLN CG   C N N 79  
GLN CD   C N N 80  
GLN OE1  O N N 81  
GLN NE2  N N N 82  
GLN OXT  O N N 83  
GLN H    H N N 84  
GLN H2   H N N 85  
GLN HA   H N N 86  
GLN HB2  H N N 87  
GLN HB3  H N N 88  
GLN HG2  H N N 89  
GLN HG3  H N N 90  
GLN HE21 H N N 91  
GLN HE22 H N N 92  
GLN HXT  H N N 93  
GLU N    N N N 94  
GLU CA   C N S 95  
GLU C    C N N 96  
GLU O    O N N 97  
GLU CB   C N N 98  
GLU CG   C N N 99  
GLU CD   C N N 100 
GLU OE1  O N N 101 
GLU OE2  O N N 102 
GLU OXT  O N N 103 
GLU H    H N N 104 
GLU H2   H N N 105 
GLU HA   H N N 106 
GLU HB2  H N N 107 
GLU HB3  H N N 108 
GLU HG2  H N N 109 
GLU HG3  H N N 110 
GLU HE2  H N N 111 
GLU HXT  H N N 112 
GLY N    N N N 113 
GLY CA   C N N 114 
GLY C    C N N 115 
GLY O    O N N 116 
GLY OXT  O N N 117 
GLY H    H N N 118 
GLY H2   H N N 119 
GLY HA2  H N N 120 
GLY HA3  H N N 121 
GLY HXT  H N N 122 
HIS N    N N N 123 
HIS CA   C N S 124 
HIS C    C N N 125 
HIS O    O N N 126 
HIS CB   C N N 127 
HIS CG   C Y N 128 
HIS ND1  N Y N 129 
HIS CD2  C Y N 130 
HIS CE1  C Y N 131 
HIS NE2  N Y N 132 
HIS OXT  O N N 133 
HIS H    H N N 134 
HIS H2   H N N 135 
HIS HA   H N N 136 
HIS HB2  H N N 137 
HIS HB3  H N N 138 
HIS HD1  H N N 139 
HIS HD2  H N N 140 
HIS HE1  H N N 141 
HIS HE2  H N N 142 
HIS HXT  H N N 143 
HOH O    O N N 144 
HOH H1   H N N 145 
HOH H2   H N N 146 
ILE N    N N N 147 
ILE CA   C N S 148 
ILE C    C N N 149 
ILE O    O N N 150 
ILE CB   C N S 151 
ILE CG1  C N N 152 
ILE CG2  C N N 153 
ILE CD1  C N N 154 
ILE OXT  O N N 155 
ILE H    H N N 156 
ILE H2   H N N 157 
ILE HA   H N N 158 
ILE HB   H N N 159 
ILE HG12 H N N 160 
ILE HG13 H N N 161 
ILE HG21 H N N 162 
ILE HG22 H N N 163 
ILE HG23 H N N 164 
ILE HD11 H N N 165 
ILE HD12 H N N 166 
ILE HD13 H N N 167 
ILE HXT  H N N 168 
LEU N    N N N 169 
LEU CA   C N S 170 
LEU C    C N N 171 
LEU O    O N N 172 
LEU CB   C N N 173 
LEU CG   C N N 174 
LEU CD1  C N N 175 
LEU CD2  C N N 176 
LEU OXT  O N N 177 
LEU H    H N N 178 
LEU H2   H N N 179 
LEU HA   H N N 180 
LEU HB2  H N N 181 
LEU HB3  H N N 182 
LEU HG   H N N 183 
LEU HD11 H N N 184 
LEU HD12 H N N 185 
LEU HD13 H N N 186 
LEU HD21 H N N 187 
LEU HD22 H N N 188 
LEU HD23 H N N 189 
LEU HXT  H N N 190 
LYS N    N N N 191 
LYS CA   C N S 192 
LYS C    C N N 193 
LYS O    O N N 194 
LYS CB   C N N 195 
LYS CG   C N N 196 
LYS CD   C N N 197 
LYS CE   C N N 198 
LYS NZ   N N N 199 
LYS OXT  O N N 200 
LYS H    H N N 201 
LYS H2   H N N 202 
LYS HA   H N N 203 
LYS HB2  H N N 204 
LYS HB3  H N N 205 
LYS HG2  H N N 206 
LYS HG3  H N N 207 
LYS HD2  H N N 208 
LYS HD3  H N N 209 
LYS HE2  H N N 210 
LYS HE3  H N N 211 
LYS HZ1  H N N 212 
LYS HZ2  H N N 213 
LYS HZ3  H N N 214 
LYS HXT  H N N 215 
MET N    N N N 216 
MET CA   C N S 217 
MET C    C N N 218 
MET O    O N N 219 
MET CB   C N N 220 
MET CG   C N N 221 
MET SD   S N N 222 
MET CE   C N N 223 
MET OXT  O N N 224 
MET H    H N N 225 
MET H2   H N N 226 
MET HA   H N N 227 
MET HB2  H N N 228 
MET HB3  H N N 229 
MET HG2  H N N 230 
MET HG3  H N N 231 
MET HE1  H N N 232 
MET HE2  H N N 233 
MET HE3  H N N 234 
MET HXT  H N N 235 
PHE N    N N N 236 
PHE CA   C N S 237 
PHE C    C N N 238 
PHE O    O N N 239 
PHE CB   C N N 240 
PHE CG   C Y N 241 
PHE CD1  C Y N 242 
PHE CD2  C Y N 243 
PHE CE1  C Y N 244 
PHE CE2  C Y N 245 
PHE CZ   C Y N 246 
PHE OXT  O N N 247 
PHE H    H N N 248 
PHE H2   H N N 249 
PHE HA   H N N 250 
PHE HB2  H N N 251 
PHE HB3  H N N 252 
PHE HD1  H N N 253 
PHE HD2  H N N 254 
PHE HE1  H N N 255 
PHE HE2  H N N 256 
PHE HZ   H N N 257 
PHE HXT  H N N 258 
PRO N    N N N 259 
PRO CA   C N S 260 
PRO C    C N N 261 
PRO O    O N N 262 
PRO CB   C N N 263 
PRO CG   C N N 264 
PRO CD   C N N 265 
PRO OXT  O N N 266 
PRO H    H N N 267 
PRO HA   H N N 268 
PRO HB2  H N N 269 
PRO HB3  H N N 270 
PRO HG2  H N N 271 
PRO HG3  H N N 272 
PRO HD2  H N N 273 
PRO HD3  H N N 274 
PRO HXT  H N N 275 
SER N    N N N 276 
SER CA   C N S 277 
SER C    C N N 278 
SER O    O N N 279 
SER CB   C N N 280 
SER OG   O N N 281 
SER OXT  O N N 282 
SER H    H N N 283 
SER H2   H N N 284 
SER HA   H N N 285 
SER HB2  H N N 286 
SER HB3  H N N 287 
SER HG   H N N 288 
SER HXT  H N N 289 
THR N    N N N 290 
THR CA   C N S 291 
THR C    C N N 292 
THR O    O N N 293 
THR CB   C N R 294 
THR OG1  O N N 295 
THR CG2  C N N 296 
THR OXT  O N N 297 
THR H    H N N 298 
THR H2   H N N 299 
THR HA   H N N 300 
THR HB   H N N 301 
THR HG1  H N N 302 
THR HG21 H N N 303 
THR HG22 H N N 304 
THR HG23 H N N 305 
THR HXT  H N N 306 
TYR N    N N N 307 
TYR CA   C N S 308 
TYR C    C N N 309 
TYR O    O N N 310 
TYR CB   C N N 311 
TYR CG   C Y N 312 
TYR CD1  C Y N 313 
TYR CD2  C Y N 314 
TYR CE1  C Y N 315 
TYR CE2  C Y N 316 
TYR CZ   C Y N 317 
TYR OH   O N N 318 
TYR OXT  O N N 319 
TYR H    H N N 320 
TYR H2   H N N 321 
TYR HA   H N N 322 
TYR HB2  H N N 323 
TYR HB3  H N N 324 
TYR HD1  H N N 325 
TYR HD2  H N N 326 
TYR HE1  H N N 327 
TYR HE2  H N N 328 
TYR HH   H N N 329 
TYR HXT  H N N 330 
VAL N    N N N 331 
VAL CA   C N S 332 
VAL C    C N N 333 
VAL O    O N N 334 
VAL CB   C N N 335 
VAL CG1  C N N 336 
VAL CG2  C N N 337 
VAL OXT  O N N 338 
VAL H    H N N 339 
VAL H2   H N N 340 
VAL HA   H N N 341 
VAL HB   H N N 342 
VAL HG11 H N N 343 
VAL HG12 H N N 344 
VAL HG13 H N N 345 
VAL HG21 H N N 346 
VAL HG22 H N N 347 
VAL HG23 H N N 348 
VAL HXT  H N N 349 
# 
loop_
_chem_comp_bond.comp_id 
_chem_comp_bond.atom_id_1 
_chem_comp_bond.atom_id_2 
_chem_comp_bond.value_order 
_chem_comp_bond.pdbx_aromatic_flag 
_chem_comp_bond.pdbx_stereo_config 
_chem_comp_bond.pdbx_ordinal 
ALA N   CA   sing N N 1   
ALA N   H    sing N N 2   
ALA N   H2   sing N N 3   
ALA CA  C    sing N N 4   
ALA CA  CB   sing N N 5   
ALA CA  HA   sing N N 6   
ALA C   O    doub N N 7   
ALA C   OXT  sing N N 8   
ALA CB  HB1  sing N N 9   
ALA CB  HB2  sing N N 10  
ALA CB  HB3  sing N N 11  
ALA OXT HXT  sing N N 12  
ARG N   CA   sing N N 13  
ARG N   H    sing N N 14  
ARG N   H2   sing N N 15  
ARG CA  C    sing N N 16  
ARG CA  CB   sing N N 17  
ARG CA  HA   sing N N 18  
ARG C   O    doub N N 19  
ARG C   OXT  sing N N 20  
ARG CB  CG   sing N N 21  
ARG CB  HB2  sing N N 22  
ARG CB  HB3  sing N N 23  
ARG CG  CD   sing N N 24  
ARG CG  HG2  sing N N 25  
ARG CG  HG3  sing N N 26  
ARG CD  NE   sing N N 27  
ARG CD  HD2  sing N N 28  
ARG CD  HD3  sing N N 29  
ARG NE  CZ   sing N N 30  
ARG NE  HE   sing N N 31  
ARG CZ  NH1  sing N N 32  
ARG CZ  NH2  doub N N 33  
ARG NH1 HH11 sing N N 34  
ARG NH1 HH12 sing N N 35  
ARG NH2 HH21 sing N N 36  
ARG NH2 HH22 sing N N 37  
ARG OXT HXT  sing N N 38  
ASN N   CA   sing N N 39  
ASN N   H    sing N N 40  
ASN N   H2   sing N N 41  
ASN CA  C    sing N N 42  
ASN CA  CB   sing N N 43  
ASN CA  HA   sing N N 44  
ASN C   O    doub N N 45  
ASN C   OXT  sing N N 46  
ASN CB  CG   sing N N 47  
ASN CB  HB2  sing N N 48  
ASN CB  HB3  sing N N 49  
ASN CG  OD1  doub N N 50  
ASN CG  ND2  sing N N 51  
ASN ND2 HD21 sing N N 52  
ASN ND2 HD22 sing N N 53  
ASN OXT HXT  sing N N 54  
ASP N   CA   sing N N 55  
ASP N   H    sing N N 56  
ASP N   H2   sing N N 57  
ASP CA  C    sing N N 58  
ASP CA  CB   sing N N 59  
ASP CA  HA   sing N N 60  
ASP C   O    doub N N 61  
ASP C   OXT  sing N N 62  
ASP CB  CG   sing N N 63  
ASP CB  HB2  sing N N 64  
ASP CB  HB3  sing N N 65  
ASP CG  OD1  doub N N 66  
ASP CG  OD2  sing N N 67  
ASP OD2 HD2  sing N N 68  
ASP OXT HXT  sing N N 69  
GLN N   CA   sing N N 70  
GLN N   H    sing N N 71  
GLN N   H2   sing N N 72  
GLN CA  C    sing N N 73  
GLN CA  CB   sing N N 74  
GLN CA  HA   sing N N 75  
GLN C   O    doub N N 76  
GLN C   OXT  sing N N 77  
GLN CB  CG   sing N N 78  
GLN CB  HB2  sing N N 79  
GLN CB  HB3  sing N N 80  
GLN CG  CD   sing N N 81  
GLN CG  HG2  sing N N 82  
GLN CG  HG3  sing N N 83  
GLN CD  OE1  doub N N 84  
GLN CD  NE2  sing N N 85  
GLN NE2 HE21 sing N N 86  
GLN NE2 HE22 sing N N 87  
GLN OXT HXT  sing N N 88  
GLU N   CA   sing N N 89  
GLU N   H    sing N N 90  
GLU N   H2   sing N N 91  
GLU CA  C    sing N N 92  
GLU CA  CB   sing N N 93  
GLU CA  HA   sing N N 94  
GLU C   O    doub N N 95  
GLU C   OXT  sing N N 96  
GLU CB  CG   sing N N 97  
GLU CB  HB2  sing N N 98  
GLU CB  HB3  sing N N 99  
GLU CG  CD   sing N N 100 
GLU CG  HG2  sing N N 101 
GLU CG  HG3  sing N N 102 
GLU CD  OE1  doub N N 103 
GLU CD  OE2  sing N N 104 
GLU OE2 HE2  sing N N 105 
GLU OXT HXT  sing N N 106 
GLY N   CA   sing N N 107 
GLY N   H    sing N N 108 
GLY N   H2   sing N N 109 
GLY CA  C    sing N N 110 
GLY CA  HA2  sing N N 111 
GLY CA  HA3  sing N N 112 
GLY C   O    doub N N 113 
GLY C   OXT  sing N N 114 
GLY OXT HXT  sing N N 115 
HIS N   CA   sing N N 116 
HIS N   H    sing N N 117 
HIS N   H2   sing N N 118 
HIS CA  C    sing N N 119 
HIS CA  CB   sing N N 120 
HIS CA  HA   sing N N 121 
HIS C   O    doub N N 122 
HIS C   OXT  sing N N 123 
HIS CB  CG   sing N N 124 
HIS CB  HB2  sing N N 125 
HIS CB  HB3  sing N N 126 
HIS CG  ND1  sing Y N 127 
HIS CG  CD2  doub Y N 128 
HIS ND1 CE1  doub Y N 129 
HIS ND1 HD1  sing N N 130 
HIS CD2 NE2  sing Y N 131 
HIS CD2 HD2  sing N N 132 
HIS CE1 NE2  sing Y N 133 
HIS CE1 HE1  sing N N 134 
HIS NE2 HE2  sing N N 135 
HIS OXT HXT  sing N N 136 
HOH O   H1   sing N N 137 
HOH O   H2   sing N N 138 
ILE N   CA   sing N N 139 
ILE N   H    sing N N 140 
ILE N   H2   sing N N 141 
ILE CA  C    sing N N 142 
ILE CA  CB   sing N N 143 
ILE CA  HA   sing N N 144 
ILE C   O    doub N N 145 
ILE C   OXT  sing N N 146 
ILE CB  CG1  sing N N 147 
ILE CB  CG2  sing N N 148 
ILE CB  HB   sing N N 149 
ILE CG1 CD1  sing N N 150 
ILE CG1 HG12 sing N N 151 
ILE CG1 HG13 sing N N 152 
ILE CG2 HG21 sing N N 153 
ILE CG2 HG22 sing N N 154 
ILE CG2 HG23 sing N N 155 
ILE CD1 HD11 sing N N 156 
ILE CD1 HD12 sing N N 157 
ILE CD1 HD13 sing N N 158 
ILE OXT HXT  sing N N 159 
LEU N   CA   sing N N 160 
LEU N   H    sing N N 161 
LEU N   H2   sing N N 162 
LEU CA  C    sing N N 163 
LEU CA  CB   sing N N 164 
LEU CA  HA   sing N N 165 
LEU C   O    doub N N 166 
LEU C   OXT  sing N N 167 
LEU CB  CG   sing N N 168 
LEU CB  HB2  sing N N 169 
LEU CB  HB3  sing N N 170 
LEU CG  CD1  sing N N 171 
LEU CG  CD2  sing N N 172 
LEU CG  HG   sing N N 173 
LEU CD1 HD11 sing N N 174 
LEU CD1 HD12 sing N N 175 
LEU CD1 HD13 sing N N 176 
LEU CD2 HD21 sing N N 177 
LEU CD2 HD22 sing N N 178 
LEU CD2 HD23 sing N N 179 
LEU OXT HXT  sing N N 180 
LYS N   CA   sing N N 181 
LYS N   H    sing N N 182 
LYS N   H2   sing N N 183 
LYS CA  C    sing N N 184 
LYS CA  CB   sing N N 185 
LYS CA  HA   sing N N 186 
LYS C   O    doub N N 187 
LYS C   OXT  sing N N 188 
LYS CB  CG   sing N N 189 
LYS CB  HB2  sing N N 190 
LYS CB  HB3  sing N N 191 
LYS CG  CD   sing N N 192 
LYS CG  HG2  sing N N 193 
LYS CG  HG3  sing N N 194 
LYS CD  CE   sing N N 195 
LYS CD  HD2  sing N N 196 
LYS CD  HD3  sing N N 197 
LYS CE  NZ   sing N N 198 
LYS CE  HE2  sing N N 199 
LYS CE  HE3  sing N N 200 
LYS NZ  HZ1  sing N N 201 
LYS NZ  HZ2  sing N N 202 
LYS NZ  HZ3  sing N N 203 
LYS OXT HXT  sing N N 204 
MET N   CA   sing N N 205 
MET N   H    sing N N 206 
MET N   H2   sing N N 207 
MET CA  C    sing N N 208 
MET CA  CB   sing N N 209 
MET CA  HA   sing N N 210 
MET C   O    doub N N 211 
MET C   OXT  sing N N 212 
MET CB  CG   sing N N 213 
MET CB  HB2  sing N N 214 
MET CB  HB3  sing N N 215 
MET CG  SD   sing N N 216 
MET CG  HG2  sing N N 217 
MET CG  HG3  sing N N 218 
MET SD  CE   sing N N 219 
MET CE  HE1  sing N N 220 
MET CE  HE2  sing N N 221 
MET CE  HE3  sing N N 222 
MET OXT HXT  sing N N 223 
PHE N   CA   sing N N 224 
PHE N   H    sing N N 225 
PHE N   H2   sing N N 226 
PHE CA  C    sing N N 227 
PHE CA  CB   sing N N 228 
PHE CA  HA   sing N N 229 
PHE C   O    doub N N 230 
PHE C   OXT  sing N N 231 
PHE CB  CG   sing N N 232 
PHE CB  HB2  sing N N 233 
PHE CB  HB3  sing N N 234 
PHE CG  CD1  doub Y N 235 
PHE CG  CD2  sing Y N 236 
PHE CD1 CE1  sing Y N 237 
PHE CD1 HD1  sing N N 238 
PHE CD2 CE2  doub Y N 239 
PHE CD2 HD2  sing N N 240 
PHE CE1 CZ   doub Y N 241 
PHE CE1 HE1  sing N N 242 
PHE CE2 CZ   sing Y N 243 
PHE CE2 HE2  sing N N 244 
PHE CZ  HZ   sing N N 245 
PHE OXT HXT  sing N N 246 
PRO N   CA   sing N N 247 
PRO N   CD   sing N N 248 
PRO N   H    sing N N 249 
PRO CA  C    sing N N 250 
PRO CA  CB   sing N N 251 
PRO CA  HA   sing N N 252 
PRO C   O    doub N N 253 
PRO C   OXT  sing N N 254 
PRO CB  CG   sing N N 255 
PRO CB  HB2  sing N N 256 
PRO CB  HB3  sing N N 257 
PRO CG  CD   sing N N 258 
PRO CG  HG2  sing N N 259 
PRO CG  HG3  sing N N 260 
PRO CD  HD2  sing N N 261 
PRO CD  HD3  sing N N 262 
PRO OXT HXT  sing N N 263 
SER N   CA   sing N N 264 
SER N   H    sing N N 265 
SER N   H2   sing N N 266 
SER CA  C    sing N N 267 
SER CA  CB   sing N N 268 
SER CA  HA   sing N N 269 
SER C   O    doub N N 270 
SER C   OXT  sing N N 271 
SER CB  OG   sing N N 272 
SER CB  HB2  sing N N 273 
SER CB  HB3  sing N N 274 
SER OG  HG   sing N N 275 
SER OXT HXT  sing N N 276 
THR N   CA   sing N N 277 
THR N   H    sing N N 278 
THR N   H2   sing N N 279 
THR CA  C    sing N N 280 
THR CA  CB   sing N N 281 
THR CA  HA   sing N N 282 
THR C   O    doub N N 283 
THR C   OXT  sing N N 284 
THR CB  OG1  sing N N 285 
THR CB  CG2  sing N N 286 
THR CB  HB   sing N N 287 
THR OG1 HG1  sing N N 288 
THR CG2 HG21 sing N N 289 
THR CG2 HG22 sing N N 290 
THR CG2 HG23 sing N N 291 
THR OXT HXT  sing N N 292 
TYR N   CA   sing N N 293 
TYR N   H    sing N N 294 
TYR N   H2   sing N N 295 
TYR CA  C    sing N N 296 
TYR CA  CB   sing N N 297 
TYR CA  HA   sing N N 298 
TYR C   O    doub N N 299 
TYR C   OXT  sing N N 300 
TYR CB  CG   sing N N 301 
TYR CB  HB2  sing N N 302 
TYR CB  HB3  sing N N 303 
TYR CG  CD1  doub Y N 304 
TYR CG  CD2  sing Y N 305 
TYR CD1 CE1  sing Y N 306 
TYR CD1 HD1  sing N N 307 
TYR CD2 CE2  doub Y N 308 
TYR CD2 HD2  sing N N 309 
TYR CE1 CZ   doub Y N 310 
TYR CE1 HE1  sing N N 311 
TYR CE2 CZ   sing Y N 312 
TYR CE2 HE2  sing N N 313 
TYR CZ  OH   sing N N 314 
TYR OH  HH   sing N N 315 
TYR OXT HXT  sing N N 316 
VAL N   CA   sing N N 317 
VAL N   H    sing N N 318 
VAL N   H2   sing N N 319 
VAL CA  C    sing N N 320 
VAL CA  CB   sing N N 321 
VAL CA  HA   sing N N 322 
VAL C   O    doub N N 323 
VAL C   OXT  sing N N 324 
VAL CB  CG1  sing N N 325 
VAL CB  CG2  sing N N 326 
VAL CB  HB   sing N N 327 
VAL CG1 HG11 sing N N 328 
VAL CG1 HG12 sing N N 329 
VAL CG1 HG13 sing N N 330 
VAL CG2 HG21 sing N N 331 
VAL CG2 HG22 sing N N 332 
VAL CG2 HG23 sing N N 333 
VAL OXT HXT  sing N N 334 
# 
_pdbx_initial_refinement_model.id               1 
_pdbx_initial_refinement_model.entity_id_list   ? 
_pdbx_initial_refinement_model.type             'experimental model' 
_pdbx_initial_refinement_model.source_name      PDB 
_pdbx_initial_refinement_model.accession_code   1OKS 
_pdbx_initial_refinement_model.details          1OKS.pdb 
# 
_atom_sites.entry_id                    1T6O 
_atom_sites.fract_transf_matrix[1][1]   0.01022646 
_atom_sites.fract_transf_matrix[1][2]   0.00801478 
_atom_sites.fract_transf_matrix[1][3]   0.01979949 
_atom_sites.fract_transf_matrix[2][1]   0.01852415 
_atom_sites.fract_transf_matrix[2][2]   0.00760224 
_atom_sites.fract_transf_matrix[2][3]   -0.01264511 
_atom_sites.fract_transf_matrix[3][1]   -0.00549152 
_atom_sites.fract_transf_matrix[3][2]   0.01081617 
_atom_sites.fract_transf_matrix[3][3]   -0.00154198 
_atom_sites.fract_transf_vector[1]      0.027946 
_atom_sites.fract_transf_vector[2]      0.350854 
_atom_sites.fract_transf_vector[3]      0.543520 
# 
loop_
_atom_type.symbol 
C 
N 
O 
S 
# 
loop_
_atom_site.group_PDB 
_atom_site.id 
_atom_site.type_symbol 
_atom_site.label_atom_id 
_atom_site.label_alt_id 
_atom_site.label_comp_id 
_atom_site.label_asym_id 
_atom_site.label_entity_id 
_atom_site.label_seq_id 
_atom_site.pdbx_PDB_ins_code 
_atom_site.Cartn_x 
_atom_site.Cartn_y 
_atom_site.Cartn_z 
_atom_site.occupancy 
_atom_site.B_iso_or_equiv 
_atom_site.pdbx_formal_charge 
_atom_site.auth_seq_id 
_atom_site.auth_comp_id 
_atom_site.auth_asym_id 
_atom_site.auth_atom_id 
_atom_site.pdbx_PDB_model_num 
ATOM   1   N N   . GLY A 1 2  ? -1.917  -14.888 -1.531  1.00 56.81 ? 458 GLY A N   1 
ATOM   2   C CA  . GLY A 1 2  ? -1.763  -13.442 -1.194  1.00 55.42 ? 458 GLY A CA  1 
ATOM   3   C C   . GLY A 1 2  ? -0.760  -13.195 -0.081  1.00 42.31 ? 458 GLY A C   1 
ATOM   4   O O   . GLY A 1 2  ? -0.770  -13.879 0.942   1.00 41.74 ? 458 GLY A O   1 
ATOM   5   N N   . ALA A 1 3  ? 0.113   -12.215 -0.281  1.00 24.48 ? 459 ALA A N   1 
ATOM   6   C CA  . ALA A 1 3  ? 1.118   -11.879 0.719   1.00 23.09 ? 459 ALA A CA  1 
ATOM   7   C C   . ALA A 1 3  ? 0.464   -11.258 1.952   1.00 24.82 ? 459 ALA A C   1 
ATOM   8   O O   . ALA A 1 3  ? -0.485  -10.485 1.842   1.00 25.09 ? 459 ALA A O   1 
ATOM   9   C CB  . ALA A 1 3  ? 2.148   -10.907 0.133   1.00 20.68 ? 459 ALA A CB  1 
ATOM   10  N N   . SER A 1 4  ? 0.985   -11.608 3.121   1.00 17.29 ? 460 SER A N   1 
ATOM   11  C CA  . SER A 1 4  ? 0.475   -11.075 4.370   1.00 14.72 ? 460 SER A CA  1 
ATOM   12  C C   . SER A 1 4  ? 0.888   -9.613  4.510   1.00 24.49 ? 460 SER A C   1 
ATOM   13  O O   . SER A 1 4  ? 1.725   -9.094  3.766   1.00 20.06 ? 460 SER A O   1 
ATOM   14  C CB  . SER A 1 4  ? 1.038   -11.856 5.557   1.00 15.38 ? 460 SER A CB  1 
ATOM   15  O OG  . SER A 1 4  ? 2.409   -11.547 5.762   1.00 21.95 ? 460 SER A OG  1 
ATOM   16  N N   . ARG A 1 5  ? 0.287   -8.964  5.488   1.00 25.14 ? 461 ARG A N   1 
ATOM   17  C CA  . ARG A 1 5  ? 0.555   -7.577  5.789   1.00 20.55 ? 461 ARG A CA  1 
ATOM   18  C C   . ARG A 1 5  ? 2.043   -7.440  6.137   1.00 20.80 ? 461 ARG A C   1 
ATOM   19  O O   . ARG A 1 5  ? 2.714   -6.516  5.684   1.00 22.49 ? 461 ARG A O   1 
ATOM   20  C CB  . ARG A 1 5  ? -0.354  -7.175  6.958   1.00 21.12 ? 461 ARG A CB  1 
ATOM   21  C CG  . ARG A 1 5  ? -0.423  -5.715  7.310   1.00 24.09 ? 461 ARG A CG  1 
ATOM   22  C CD  . ARG A 1 5  ? -1.458  -5.529  8.437   1.00 17.71 ? 461 ARG A CD  1 
ATOM   23  N NE  . ARG A 1 5  ? -2.834  -5.673  7.960   1.00 16.54 ? 461 ARG A NE  1 
ATOM   24  C CZ  . ARG A 1 5  ? -3.483  -4.732  7.286   1.00 20.38 ? 461 ARG A CZ  1 
ATOM   25  N NH1 . ARG A 1 5  ? -2.878  -3.587  7.013   1.00 19.30 ? 461 ARG A NH1 1 
ATOM   26  N NH2 . ARG A 1 5  ? -4.738  -4.922  6.896   1.00 18.30 ? 461 ARG A NH2 1 
ATOM   27  N N   . SER A 1 6  ? 2.563   -8.381  6.918   1.00 19.44 ? 462 SER A N   1 
ATOM   28  C CA  . SER A 1 6  ? 3.967   -8.347  7.311   1.00 16.97 ? 462 SER A CA  1 
ATOM   29  C C   . SER A 1 6  ? 4.932   -8.497  6.125   1.00 26.11 ? 462 SER A C   1 
ATOM   30  O O   . SER A 1 6  ? 5.998   -7.877  6.101   1.00 23.24 ? 462 SER A O   1 
ATOM   31  C CB  . SER A 1 6  ? 4.257   -9.450  8.339   1.00 21.05 ? 462 SER A CB  1 
ATOM   32  O OG  . SER A 1 6  ? 5.610   -9.417  8.753   1.00 58.60 ? 462 SER A OG  1 
ATOM   33  N N   . VAL A 1 7  ? 4.568   -9.327  5.153   1.00 19.23 ? 463 VAL A N   1 
ATOM   34  C CA  . VAL A 1 7  ? 5.428   -9.525  3.986   1.00 19.44 ? 463 VAL A CA  1 
ATOM   35  C C   . VAL A 1 7  ? 5.471   -8.248  3.155   1.00 17.10 ? 463 VAL A C   1 
ATOM   36  O O   . VAL A 1 7  ? 6.528   -7.835  2.679   1.00 17.94 ? 463 VAL A O   1 
ATOM   37  C CB  . VAL A 1 7  ? 4.927   -10.694 3.085   1.00 19.84 ? 463 VAL A CB  1 
ATOM   38  C CG1 . VAL A 1 7  ? 5.703   -10.703 1.772   1.00 17.27 ? 463 VAL A CG1 1 
ATOM   39  C CG2 . VAL A 1 7  ? 5.122   -12.033 3.805   1.00 18.87 ? 463 VAL A CG2 1 
ATOM   40  N N   . ILE A 1 8  ? 4.314   -7.625  2.990   1.00 16.61 ? 464 ILE A N   1 
ATOM   41  C CA  . ILE A 1 8  ? 4.231   -6.406  2.207   1.00 18.71 ? 464 ILE A CA  1 
ATOM   42  C C   . ILE A 1 8  ? 5.051   -5.294  2.853   1.00 20.52 ? 464 ILE A C   1 
ATOM   43  O O   . ILE A 1 8  ? 5.731   -4.546  2.161   1.00 16.38 ? 464 ILE A O   1 
ATOM   44  C CB  . ILE A 1 8  ? 2.761   -5.970  2.020   1.00 21.69 ? 464 ILE A CB  1 
ATOM   45  C CG1 . ILE A 1 8  ? 2.032   -7.011  1.164   1.00 20.75 ? 464 ILE A CG1 1 
ATOM   46  C CG2 . ILE A 1 8  ? 2.701   -4.604  1.362   1.00 21.90 ? 464 ILE A CG2 1 
ATOM   47  C CD1 . ILE A 1 8  ? 0.541   -6.746  0.953   1.00 23.15 ? 464 ILE A CD1 1 
ATOM   48  N N   . ARG A 1 9  ? 5.001   -5.205  4.179   1.00 19.54 ? 465 ARG A N   1 
ATOM   49  C CA  . ARG A 1 9  ? 5.767   -4.191  4.890   1.00 24.20 ? 465 ARG A CA  1 
ATOM   50  C C   . ARG A 1 9  ? 7.264   -4.436  4.679   1.00 20.17 ? 465 ARG A C   1 
ATOM   51  O O   . ARG A 1 9  ? 8.015   -3.498  4.419   1.00 23.50 ? 465 ARG A O   1 
ATOM   52  C CB  . ARG A 1 9  ? 5.434   -4.215  6.389   1.00 26.78 ? 465 ARG A CB  1 
ATOM   53  C CG  . ARG A 1 9  ? 6.097   -3.101  7.192   1.00 31.28 ? 465 ARG A CG  1 
ATOM   54  C CD  . ARG A 1 9  ? 5.696   -3.149  8.674   1.00 31.89 ? 465 ARG A CD  1 
ATOM   55  N NE  . ARG A 1 9  ? 4.283   -2.838  8.888   1.00 72.64 ? 465 ARG A NE  1 
ATOM   56  C CZ  . ARG A 1 9  ? 3.743   -1.638  8.709   1.00 99.72 ? 465 ARG A CZ  1 
ATOM   57  N NH1 . ARG A 1 9  ? 2.448   -1.452  8.928   1.00 99.72 ? 465 ARG A NH1 1 
ATOM   58  N NH2 . ARG A 1 9  ? 4.495   -0.619  8.314   1.00 99.72 ? 465 ARG A NH2 1 
ATOM   59  N N   . SER A 1 10 ? 7.690   -5.694  4.768   1.00 17.88 ? 466 SER A N   1 
ATOM   60  C CA  . SER A 1 10 ? 9.105   -6.023  4.582   1.00 19.93 ? 466 SER A CA  1 
ATOM   61  C C   . SER A 1 10 ? 9.585   -5.627  3.184   1.00 25.21 ? 466 SER A C   1 
ATOM   62  O O   . SER A 1 10 ? 10.715  -5.175  3.015   1.00 26.08 ? 466 SER A O   1 
ATOM   63  C CB  . SER A 1 10 ? 9.356   -7.521  4.813   1.00 22.12 ? 466 SER A CB  1 
ATOM   64  O OG  . SER A 1 10 ? 8.752   -8.308  3.804   1.00 46.27 ? 466 SER A OG  1 
ATOM   65  N N   . ILE A 1 11 ? 8.723   -5.807  2.190   1.00 17.51 ? 467 ILE A N   1 
ATOM   66  C CA  . ILE A 1 11 ? 9.047   -5.442  0.815   1.00 19.77 ? 467 ILE A CA  1 
ATOM   67  C C   . ILE A 1 11 ? 9.278   -3.928  0.720   1.00 24.98 ? 467 ILE A C   1 
ATOM   68  O O   . ILE A 1 11 ? 10.223  -3.476  0.067   1.00 24.57 ? 467 ILE A O   1 
ATOM   69  C CB  . ILE A 1 11 ? 7.910   -5.862  -0.148  1.00 23.02 ? 467 ILE A CB  1 
ATOM   70  C CG1 . ILE A 1 11 ? 7.845   -7.394  -0.226  1.00 23.68 ? 467 ILE A CG1 1 
ATOM   71  C CG2 . ILE A 1 11 ? 8.126   -5.236  -1.530  1.00 18.63 ? 467 ILE A CG2 1 
ATOM   72  C CD1 . ILE A 1 11 ? 6.707   -7.927  -1.076  1.00 33.34 ? 467 ILE A CD1 1 
ATOM   73  N N   . ILE A 1 12 ? 8.416   -3.148  1.370   1.00 18.32 ? 468 ILE A N   1 
ATOM   74  C CA  . ILE A 1 12 ? 8.567   -1.693  1.359   1.00 19.65 ? 468 ILE A CA  1 
ATOM   75  C C   . ILE A 1 12 ? 9.904   -1.333  1.998   1.00 25.32 ? 468 ILE A C   1 
ATOM   76  O O   . ILE A 1 12 ? 10.679  -0.535  1.459   1.00 24.13 ? 468 ILE A O   1 
ATOM   77  C CB  . ILE A 1 12 ? 7.451   -0.997  2.169   1.00 19.85 ? 468 ILE A CB  1 
ATOM   78  C CG1 . ILE A 1 12 ? 6.096   -1.230  1.503   1.00 18.08 ? 468 ILE A CG1 1 
ATOM   79  C CG2 . ILE A 1 12 ? 7.739   0.496   2.287   1.00 15.49 ? 468 ILE A CG2 1 
ATOM   80  C CD1 . ILE A 1 12 ? 4.919   -0.850  2.387   1.00 14.09 ? 468 ILE A CD1 1 
ATOM   81  N N   . LYS A 1 13 ? 10.166  -1.932  3.154   1.00 22.15 ? 469 LYS A N   1 
ATOM   82  C CA  . LYS A 1 13 ? 11.398  -1.685  3.883   1.00 26.39 ? 469 LYS A CA  1 
ATOM   83  C C   . LYS A 1 13 ? 12.653  -2.072  3.099   1.00 37.54 ? 469 LYS A C   1 
ATOM   84  O O   . LYS A 1 13 ? 13.679  -1.401  3.197   1.00 40.41 ? 469 LYS A O   1 
ATOM   85  C CB  . LYS A 1 13 ? 11.376  -2.435  5.217   1.00 29.93 ? 469 LYS A CB  1 
ATOM   86  C CG  . LYS A 1 13 ? 10.297  -1.959  6.178   1.00 41.82 ? 469 LYS A CG  1 
ATOM   87  C CD  . LYS A 1 13 ? 10.384  -2.680  7.518   1.00 99.72 ? 469 LYS A CD  1 
ATOM   88  C CE  . LYS A 1 13 ? 10.158  -4.179  7.366   1.00 99.72 ? 469 LYS A CE  1 
ATOM   89  N NZ  . LYS A 1 13 ? 10.229  -4.888  8.675   1.00 99.72 ? 469 LYS A NZ  1 
ATOM   90  N N   . SER A 1 14 ? 12.566  -3.142  2.314   1.00 30.07 ? 470 SER A N   1 
ATOM   91  C CA  . SER A 1 14 ? 13.710  -3.613  1.539   1.00 30.89 ? 470 SER A CA  1 
ATOM   92  C C   . SER A 1 14 ? 13.885  -2.927  0.180   1.00 33.83 ? 470 SER A C   1 
ATOM   93  O O   . SER A 1 14 ? 14.874  -3.166  -0.509  1.00 38.57 ? 470 SER A O   1 
ATOM   94  C CB  . SER A 1 14 ? 13.614  -5.129  1.330   1.00 33.13 ? 470 SER A CB  1 
ATOM   95  O OG  . SER A 1 14 ? 12.539  -5.459  0.470   1.00 64.15 ? 470 SER A OG  1 
ATOM   96  N N   . SER A 1 15 ? 12.934  -2.083  -0.209  1.00 22.55 ? 471 SER A N   1 
ATOM   97  C CA  . SER A 1 15 ? 13.029  -1.394  -1.493  1.00 21.68 ? 471 SER A CA  1 
ATOM   98  C C   . SER A 1 15 ? 14.101  -0.301  -1.426  1.00 26.96 ? 471 SER A C   1 
ATOM   99  O O   . SER A 1 15 ? 14.659  -0.034  -0.364  1.00 27.75 ? 471 SER A O   1 
ATOM   100 C CB  . SER A 1 15 ? 11.686  -0.762  -1.864  1.00 21.73 ? 471 SER A CB  1 
ATOM   101 O OG  . SER A 1 15 ? 11.405  0.346   -1.027  1.00 32.28 ? 471 SER A OG  1 
ATOM   102 N N   . ARG A 1 16 ? 14.380  0.333   -2.560  1.00 33.86 ? 472 ARG A N   1 
ATOM   103 C CA  . ARG A 1 16 ? 15.388  1.388   -2.606  1.00 39.11 ? 472 ARG A CA  1 
ATOM   104 C C   . ARG A 1 16 ? 14.791  2.792   -2.626  1.00 45.57 ? 472 ARG A C   1 
ATOM   105 O O   . ARG A 1 16 ? 15.480  3.765   -2.927  1.00 52.78 ? 472 ARG A O   1 
ATOM   106 C CB  . ARG A 1 16 ? 16.305  1.184   -3.819  0.50 58.47 ? 472 ARG A CB  1 
ATOM   107 C CG  . ARG A 1 16 ? 15.592  0.798   -5.109  0.50 94.59 ? 472 ARG A CG  1 
ATOM   108 C CD  . ARG A 1 16 ? 14.734  1.926   -5.655  0.50 99.72 ? 472 ARG A CD  1 
ATOM   109 N NE  . ARG A 1 16 ? 14.107  1.559   -6.922  0.50 99.72 ? 472 ARG A NE  1 
ATOM   110 C CZ  . ARG A 1 16 ? 13.344  2.373   -7.644  0.50 99.72 ? 472 ARG A CZ  1 
ATOM   111 N NH1 . ARG A 1 16 ? 13.109  3.610   -7.227  0.50 99.72 ? 472 ARG A NH1 1 
ATOM   112 N NH2 . ARG A 1 16 ? 12.816  1.950   -8.784  0.50 99.72 ? 472 ARG A NH2 1 
ATOM   113 N N   . LEU A 1 17 ? 13.507  2.890   -2.299  1.00 35.85 ? 473 LEU A N   1 
ATOM   114 C CA  . LEU A 1 17 ? 12.818  4.175   -2.270  1.00 35.55 ? 473 LEU A CA  1 
ATOM   115 C C   . LEU A 1 17 ? 13.348  5.044   -1.133  1.00 30.38 ? 473 LEU A C   1 
ATOM   116 O O   . LEU A 1 17 ? 13.886  4.534   -0.150  1.00 24.61 ? 473 LEU A O   1 
ATOM   117 C CB  . LEU A 1 17 ? 11.317  3.960   -2.066  1.00 36.56 ? 473 LEU A CB  1 
ATOM   118 C CG  . LEU A 1 17 ? 10.557  3.107   -3.082  1.00 38.37 ? 473 LEU A CG  1 
ATOM   119 C CD1 . LEU A 1 17 ? 9.117   2.938   -2.616  1.00 34.92 ? 473 LEU A CD1 1 
ATOM   120 C CD2 . LEU A 1 17 ? 10.607  3.762   -4.451  1.00 48.09 ? 473 LEU A CD2 1 
ATOM   121 N N   . GLU A 1 18 ? 13.188  6.357   -1.272  1.00 26.21 ? 474 GLU A N   1 
ATOM   122 C CA  . GLU A 1 18 ? 13.621  7.292   -0.241  1.00 25.77 ? 474 GLU A CA  1 
ATOM   123 C C   . GLU A 1 18 ? 12.843  6.961   1.020   1.00 24.11 ? 474 GLU A C   1 
ATOM   124 O O   . GLU A 1 18 ? 11.745  6.409   0.952   1.00 27.98 ? 474 GLU A O   1 
ATOM   125 C CB  . GLU A 1 18 ? 13.334  8.742   -0.651  1.00 33.09 ? 474 GLU A CB  1 
ATOM   126 C CG  . GLU A 1 18 ? 14.068  9.208   -1.903  1.00 87.74 ? 474 GLU A CG  1 
ATOM   127 C CD  . GLU A 1 18 ? 13.388  8.770   -3.189  1.00 99.72 ? 474 GLU A CD  1 
ATOM   128 O OE1 . GLU A 1 18 ? 13.242  7.551   -3.413  1.00 94.83 ? 474 GLU A OE1 1 
ATOM   129 O OE2 . GLU A 1 18 ? 12.999  9.654   -3.981  1.00 99.72 ? 474 GLU A OE2 1 
ATOM   130 N N   . GLU A 1 19 ? 13.412  7.318   2.166   1.00 24.18 ? 475 GLU A N   1 
ATOM   131 C CA  . GLU A 1 19 ? 12.809  7.040   3.459   1.00 24.76 ? 475 GLU A CA  1 
ATOM   132 C C   . GLU A 1 19 ? 11.415  7.613   3.692   1.00 26.21 ? 475 GLU A C   1 
ATOM   133 O O   . GLU A 1 19 ? 10.569  6.952   4.288   1.00 26.52 ? 475 GLU A O   1 
ATOM   134 C CB  . GLU A 1 19 ? 13.748  7.503   4.578   1.00 24.70 ? 475 GLU A CB  1 
ATOM   135 C CG  . GLU A 1 19 ? 15.080  6.770   4.601   1.00 88.99 ? 475 GLU A CG  1 
ATOM   136 C CD  . GLU A 1 19 ? 14.924  5.279   4.845   1.00 99.72 ? 475 GLU A CD  1 
ATOM   137 O OE1 . GLU A 1 19 ? 15.938  4.554   4.768   1.00 99.72 ? 475 GLU A OE1 1 
ATOM   138 O OE2 . GLU A 1 19 ? 13.791  4.831   5.119   1.00 99.72 ? 475 GLU A OE2 1 
ATOM   139 N N   . ASP A 1 20 ? 11.173  8.836   3.240   1.00 23.88 ? 476 ASP A N   1 
ATOM   140 C CA  . ASP A 1 20 ? 9.863   9.446   3.441   1.00 19.73 ? 476 ASP A CA  1 
ATOM   141 C C   . ASP A 1 20 ? 8.822   8.771   2.562   1.00 20.66 ? 476 ASP A C   1 
ATOM   142 O O   . ASP A 1 20 ? 7.656   8.685   2.935   1.00 18.07 ? 476 ASP A O   1 
ATOM   143 C CB  . ASP A 1 20 ? 9.917   10.959  3.172   1.00 20.80 ? 476 ASP A CB  1 
ATOM   144 C CG  . ASP A 1 20 ? 10.376  11.288  1.778   1.00 27.13 ? 476 ASP A CG  1 
ATOM   145 O OD1 . ASP A 1 20 ? 11.177  10.514  1.219   1.00 40.39 ? 476 ASP A OD1 1 
ATOM   146 O OD2 . ASP A 1 20 ? 9.945   12.329  1.245   1.00 50.19 ? 476 ASP A OD2 1 
ATOM   147 N N   . ARG A 1 21 ? 9.250   8.280   1.404   1.00 15.53 ? 477 ARG A N   1 
ATOM   148 C CA  . ARG A 1 21 ? 8.344   7.578   0.510   1.00 20.99 ? 477 ARG A CA  1 
ATOM   149 C C   . ARG A 1 21 ? 7.984   6.252   1.180   1.00 33.25 ? 477 ARG A C   1 
ATOM   150 O O   . ARG A 1 21 ? 6.826   5.838   1.167   1.00 21.42 ? 477 ARG A O   1 
ATOM   151 C CB  . ARG A 1 21 ? 9.018   7.331   -0.839  1.00 26.17 ? 477 ARG A CB  1 
ATOM   152 C CG  . ARG A 1 21 ? 8.160   7.707   -2.025  1.00 45.47 ? 477 ARG A CG  1 
ATOM   153 C CD  . ARG A 1 21 ? 8.929   8.568   -3.018  1.00 76.94 ? 477 ARG A CD  1 
ATOM   154 N NE  . ARG A 1 21 ? 9.318   9.854   -2.442  1.00 89.39 ? 477 ARG A NE  1 
ATOM   155 C CZ  . ARG A 1 21 ? 9.892   10.837  -3.128  1.00 99.72 ? 477 ARG A CZ  1 
ATOM   156 N NH1 . ARG A 1 21 ? 10.212  11.976  -2.525  1.00 47.81 ? 477 ARG A NH1 1 
ATOM   157 N NH2 . ARG A 1 21 ? 10.143  10.686  -4.421  1.00 99.72 ? 477 ARG A NH2 1 
ATOM   158 N N   . LYS A 1 22 ? 8.979   5.601   1.781   1.00 22.76 ? 478 LYS A N   1 
ATOM   159 C CA  . LYS A 1 22 ? 8.753   4.332   2.473   1.00 23.20 ? 478 LYS A CA  1 
ATOM   160 C C   . LYS A 1 22 ? 7.801   4.534   3.641   1.00 28.46 ? 478 LYS A C   1 
ATOM   161 O O   . LYS A 1 22 ? 6.878   3.749   3.847   1.00 21.56 ? 478 LYS A O   1 
ATOM   162 C CB  . LYS A 1 22 ? 10.069  3.764   3.023   1.00 20.03 ? 478 LYS A CB  1 
ATOM   163 C CG  . LYS A 1 22 ? 10.958  3.086   2.008   1.00 19.57 ? 478 LYS A CG  1 
ATOM   164 C CD  . LYS A 1 22 ? 12.244  2.625   2.671   1.00 39.20 ? 478 LYS A CD  1 
ATOM   165 C CE  . LYS A 1 22 ? 13.191  1.991   1.671   1.00 38.63 ? 478 LYS A CE  1 
ATOM   166 N NZ  . LYS A 1 22 ? 14.470  1.593   2.319   1.00 33.79 ? 478 LYS A NZ  1 
ATOM   167 N N   . ARG A 1 23 ? 8.040   5.593   4.409   1.00 20.15 ? 479 ARG A N   1 
ATOM   168 C CA  . ARG A 1 23 ? 7.211   5.878   5.567   1.00 20.22 ? 479 ARG A CA  1 
ATOM   169 C C   . ARG A 1 23 ? 5.754   6.148   5.218   1.00 20.73 ? 479 ARG A C   1 
ATOM   170 O O   . ARG A 1 23 ? 4.851   5.723   5.937   1.00 22.48 ? 479 ARG A O   1 
ATOM   171 C CB  . ARG A 1 23 ? 7.791   7.054   6.362   1.00 22.52 ? 479 ARG A CB  1 
ATOM   172 C CG  . ARG A 1 23 ? 9.026   6.668   7.169   1.00 39.62 ? 479 ARG A CG  1 
ATOM   173 C CD  . ARG A 1 23 ? 9.501   7.770   8.111   1.00 73.55 ? 479 ARG A CD  1 
ATOM   174 N NE  . ARG A 1 23 ? 10.140  8.886   7.418   1.00 99.72 ? 479 ARG A NE  1 
ATOM   175 C CZ  . ARG A 1 23 ? 9.488   9.873   6.812   1.00 99.72 ? 479 ARG A CZ  1 
ATOM   176 N NH1 . ARG A 1 23 ? 8.162   9.899   6.806   1.00 99.72 ? 479 ARG A NH1 1 
ATOM   177 N NH2 . ARG A 1 23 ? 10.167  10.840  6.210   1.00 99.72 ? 479 ARG A NH2 1 
ATOM   178 N N   . TYR A 1 24 ? 5.516   6.854   4.118   1.00 18.54 ? 480 TYR A N   1 
ATOM   179 C CA  . TYR A 1 24 ? 4.142   7.141   3.742   1.00 17.95 ? 480 TYR A CA  1 
ATOM   180 C C   . TYR A 1 24 ? 3.429   5.888   3.240   1.00 21.67 ? 480 TYR A C   1 
ATOM   181 O O   . TYR A 1 24 ? 2.236   5.716   3.477   1.00 18.37 ? 480 TYR A O   1 
ATOM   182 C CB  . TYR A 1 24 ? 4.078   8.234   2.678   1.00 15.37 ? 480 TYR A CB  1 
ATOM   183 C CG  . TYR A 1 24 ? 2.657   8.650   2.392   1.00 19.23 ? 480 TYR A CG  1 
ATOM   184 C CD1 . TYR A 1 24 ? 1.827   9.077   3.422   1.00 17.96 ? 480 TYR A CD1 1 
ATOM   185 C CD2 . TYR A 1 24 ? 2.134   8.591   1.104   1.00 20.42 ? 480 TYR A CD2 1 
ATOM   186 C CE1 . TYR A 1 24 ? 0.509   9.436   3.185   1.00 22.04 ? 480 TYR A CE1 1 
ATOM   187 C CE2 . TYR A 1 24 ? 0.809   8.949   0.854   1.00 17.62 ? 480 TYR A CE2 1 
ATOM   188 C CZ  . TYR A 1 24 ? 0.006   9.370   1.901   1.00 25.61 ? 480 TYR A CZ  1 
ATOM   189 O OH  . TYR A 1 24 ? -1.300  9.738   1.670   1.00 45.57 ? 480 TYR A OH  1 
ATOM   190 N N   . LEU A 1 25 ? 4.160   5.020   2.545   1.00 15.63 ? 481 LEU A N   1 
ATOM   191 C CA  . LEU A 1 25 ? 3.579   3.777   2.041   1.00 15.19 ? 481 LEU A CA  1 
ATOM   192 C C   . LEU A 1 25 ? 3.168   2.921   3.238   1.00 15.77 ? 481 LEU A C   1 
ATOM   193 O O   . LEU A 1 25 ? 2.104   2.307   3.246   1.00 16.64 ? 481 LEU A O   1 
ATOM   194 C CB  . LEU A 1 25 ? 4.596   3.020   1.173   1.00 14.89 ? 481 LEU A CB  1 
ATOM   195 C CG  . LEU A 1 25 ? 4.877   3.666   -0.187  1.00 24.48 ? 481 LEU A CG  1 
ATOM   196 C CD1 . LEU A 1 25 ? 6.010   2.940   -0.899  1.00 23.54 ? 481 LEU A CD1 1 
ATOM   197 C CD2 . LEU A 1 25 ? 3.611   3.632   -1.022  1.00 21.72 ? 481 LEU A CD2 1 
ATOM   198 N N   . MET A 1 26 ? 4.003   2.903   4.267   1.00 14.19 ? 482 MET A N   1 
ATOM   199 C CA  . MET A 1 26 ? 3.679   2.119   5.449   1.00 19.68 ? 482 MET A CA  1 
ATOM   200 C C   . MET A 1 26 ? 2.461   2.667   6.167   1.00 24.48 ? 482 MET A C   1 
ATOM   201 O O   . MET A 1 26 ? 1.680   1.904   6.729   1.00 18.74 ? 482 MET A O   1 
ATOM   202 C CB  . MET A 1 26 ? 4.885   2.039   6.381   1.00 18.66 ? 482 MET A CB  1 
ATOM   203 C CG  . MET A 1 26 ? 6.001   1.193   5.771   1.00 24.06 ? 482 MET A CG  1 
ATOM   204 S SD  . MET A 1 26 ? 7.315   0.777   6.921   1.00 42.38 ? 482 MET A SD  1 
ATOM   205 C CE  . MET A 1 26 ? 8.416   2.159   6.680   1.00 50.02 ? 482 MET A CE  1 
ATOM   206 N N   . THR A 1 27 ? 2.288   3.986   6.131   1.00 13.21 ? 483 THR A N   1 
ATOM   207 C CA  . THR A 1 27 ? 1.129   4.616   6.755   1.00 18.00 ? 483 THR A CA  1 
ATOM   208 C C   . THR A 1 27 ? -0.127  4.208   5.987   1.00 19.27 ? 483 THR A C   1 
ATOM   209 O O   . THR A 1 27 ? -1.164  3.913   6.581   1.00 14.59 ? 483 THR A O   1 
ATOM   210 C CB  . THR A 1 27 ? 1.239   6.162   6.731   1.00 38.63 ? 483 THR A CB  1 
ATOM   211 O OG1 . THR A 1 27 ? 2.331   6.577   7.556   1.00 36.67 ? 483 THR A OG1 1 
ATOM   212 C CG2 . THR A 1 27 ? -0.048  6.801   7.242   1.00 36.64 ? 483 THR A CG2 1 
ATOM   213 N N   . LEU A 1 28 ? -0.031  4.202   4.661   1.00 14.43 ? 484 LEU A N   1 
ATOM   214 C CA  . LEU A 1 28 ? -1.162  3.816   3.823   1.00 18.36 ? 484 LEU A CA  1 
ATOM   215 C C   . LEU A 1 28 ? -1.543  2.359   4.080   1.00 22.27 ? 484 LEU A C   1 
ATOM   216 O O   . LEU A 1 28 ? -2.719  2.005   4.088   1.00 19.63 ? 484 LEU A O   1 
ATOM   217 C CB  . LEU A 1 28 ? -0.817  3.995   2.338   1.00 18.79 ? 484 LEU A CB  1 
ATOM   218 C CG  . LEU A 1 28 ? -0.618  5.423   1.816   1.00 17.01 ? 484 LEU A CG  1 
ATOM   219 C CD1 . LEU A 1 28 ? -0.315  5.376   0.331   1.00 20.36 ? 484 LEU A CD1 1 
ATOM   220 C CD2 . LEU A 1 28 ? -1.877  6.246   2.077   1.00 19.83 ? 484 LEU A CD2 1 
ATOM   221 N N   . LEU A 1 29 ? -0.536  1.519   4.295   1.00 14.05 ? 485 LEU A N   1 
ATOM   222 C CA  . LEU A 1 29 ? -0.769  0.099   4.544   1.00 12.96 ? 485 LEU A CA  1 
ATOM   223 C C   . LEU A 1 29 ? -1.681  -0.139  5.757   1.00 15.68 ? 485 LEU A C   1 
ATOM   224 O O   . LEU A 1 29 ? -2.532  -1.025  5.736   1.00 16.83 ? 485 LEU A O   1 
ATOM   225 C CB  . LEU A 1 29 ? 0.573   -0.618  4.752   1.00 12.39 ? 485 LEU A CB  1 
ATOM   226 C CG  . LEU A 1 29 ? 0.528   -2.139  4.926   1.00 17.85 ? 485 LEU A CG  1 
ATOM   227 C CD1 . LEU A 1 29 ? -0.228  -2.762  3.754   1.00 16.20 ? 485 LEU A CD1 1 
ATOM   228 C CD2 . LEU A 1 29 ? 1.958   -2.689  4.994   1.00 18.34 ? 485 LEU A CD2 1 
ATOM   229 N N   . ASP A 1 30 ? -1.503  0.654   6.814   1.00 12.36 ? 486 ASP A N   1 
ATOM   230 C CA  . ASP A 1 30 ? -2.327  0.494   8.007   1.00 13.01 ? 486 ASP A CA  1 
ATOM   231 C C   . ASP A 1 30 ? -3.793  0.825   7.752   1.00 20.25 ? 486 ASP A C   1 
ATOM   232 O O   . ASP A 1 30 ? -4.658  0.388   8.498   1.00 22.46 ? 486 ASP A O   1 
ATOM   233 C CB  . ASP A 1 30 ? -1.808  1.357   9.169   1.00 12.93 ? 486 ASP A CB  1 
ATOM   234 C CG  . ASP A 1 30 ? -0.513  0.830   9.755   1.00 25.30 ? 486 ASP A CG  1 
ATOM   235 O OD1 . ASP A 1 30 ? -0.338  -0.406  9.803   1.00 25.77 ? 486 ASP A OD1 1 
ATOM   236 O OD2 . ASP A 1 30 ? 0.324   1.650   10.178  1.00 43.90 ? 486 ASP A OD2 1 
ATOM   237 N N   . ASP A 1 31 ? -4.073  1.596   6.702   1.00 13.24 ? 487 ASP A N   1 
ATOM   238 C CA  . ASP A 1 31 ? -5.457  1.946   6.380   1.00 17.18 ? 487 ASP A CA  1 
ATOM   239 C C   . ASP A 1 31 ? -6.126  0.915   5.484   1.00 25.92 ? 487 ASP A C   1 
ATOM   240 O O   . ASP A 1 31 ? -7.342  0.937   5.311   1.00 21.51 ? 487 ASP A O   1 
ATOM   241 C CB  . ASP A 1 31 ? -5.534  3.324   5.707   1.00 20.40 ? 487 ASP A CB  1 
ATOM   242 C CG  . ASP A 1 31 ? -5.368  4.462   6.700   1.00 25.64 ? 487 ASP A CG  1 
ATOM   243 O OD1 . ASP A 1 31 ? -5.437  5.636   6.287   1.00 48.28 ? 487 ASP A OD1 1 
ATOM   244 O OD2 . ASP A 1 31 ? -5.166  4.172   7.897   1.00 27.70 ? 487 ASP A OD2 1 
ATOM   245 N N   . ILE A 1 32 ? -5.332  0.023   4.903   1.00 16.63 ? 488 ILE A N   1 
ATOM   246 C CA  . ILE A 1 32 ? -5.877  -1.011  4.030   1.00 15.81 ? 488 ILE A CA  1 
ATOM   247 C C   . ILE A 1 32 ? -6.651  -2.031  4.862   1.00 20.50 ? 488 ILE A C   1 
ATOM   248 O O   . ILE A 1 32 ? -6.190  -2.471  5.915   1.00 21.87 ? 488 ILE A O   1 
ATOM   249 C CB  . ILE A 1 32 ? -4.764  -1.749  3.259   1.00 18.70 ? 488 ILE A CB  1 
ATOM   250 C CG1 . ILE A 1 32 ? -4.035  -0.775  2.326   1.00 16.69 ? 488 ILE A CG1 1 
ATOM   251 C CG2 . ILE A 1 32 ? -5.355  -2.921  2.482   1.00 25.86 ? 488 ILE A CG2 1 
ATOM   252 C CD1 . ILE A 1 32 ? -4.909  -0.196  1.206   1.00 16.53 ? 488 ILE A CD1 1 
ATOM   253 N N   . LYS A 1 33 ? -7.827  -2.406  4.383   1.00 22.61 ? 489 LYS A N   1 
ATOM   254 C CA  . LYS A 1 33 ? -8.652  -3.370  5.092   1.00 21.26 ? 489 LYS A CA  1 
ATOM   255 C C   . LYS A 1 33 ? -9.091  -4.494  4.164   1.00 15.83 ? 489 LYS A C   1 
ATOM   256 O O   . LYS A 1 33 ? -9.619  -4.239  3.080   1.00 20.81 ? 489 LYS A O   1 
ATOM   257 C CB  . LYS A 1 33 ? -9.882  -2.664  5.681   1.00 31.58 ? 489 LYS A CB  1 
ATOM   258 C CG  . LYS A 1 33 ? -10.686 -3.507  6.667   1.00 43.42 ? 489 LYS A CG  1 
ATOM   259 C CD  . LYS A 1 33 ? -11.743 -4.355  5.978   1.00 99.72 ? 489 LYS A CD  1 
ATOM   260 C CE  . LYS A 1 33 ? -12.861 -3.489  5.416   1.00 99.72 ? 489 LYS A CE  1 
ATOM   261 N NZ  . LYS A 1 33 ? -13.959 -4.301  4.821   1.00 99.72 ? 489 LYS A NZ  1 
ATOM   262 N N   . GLY A 1 34 ? -8.838  -5.733  4.578   1.00 18.25 ? 490 GLY A N   1 
ATOM   263 C CA  . GLY A 1 34 ? -9.255  -6.877  3.784   1.00 22.30 ? 490 GLY A CA  1 
ATOM   264 C C   . GLY A 1 34 ? -8.230  -7.456  2.832   1.00 24.61 ? 490 GLY A C   1 
ATOM   265 O O   . GLY A 1 34 ? -7.328  -6.766  2.373   1.00 21.61 ? 490 GLY A O   1 
ATOM   266 N N   . ALA A 1 35 ? -8.391  -8.739  2.529   1.00 21.96 ? 491 ALA A N   1 
ATOM   267 C CA  . ALA A 1 35 ? -7.488  -9.449  1.632   1.00 25.17 ? 491 ALA A CA  1 
ATOM   268 C C   . ALA A 1 35 ? -7.467  -8.861  0.224   1.00 21.47 ? 491 ALA A C   1 
ATOM   269 O O   . ALA A 1 35 ? -6.404  -8.735  -0.382  1.00 27.60 ? 491 ALA A O   1 
ATOM   270 C CB  . ALA A 1 35 ? -7.869  -10.935 1.574   1.00 30.10 ? 491 ALA A CB  1 
ATOM   271 N N   . ASN A 1 36 ? -8.638  -8.504  -0.295  1.00 19.53 ? 492 ASN A N   1 
ATOM   272 C CA  . ASN A 1 36 ? -8.730  -7.933  -1.635  1.00 18.09 ? 492 ASN A CA  1 
ATOM   273 C C   . ASN A 1 36 ? -7.972  -6.612  -1.793  1.00 23.55 ? 492 ASN A C   1 
ATOM   274 O O   . ASN A 1 36 ? -7.235  -6.431  -2.752  1.00 23.37 ? 492 ASN A O   1 
ATOM   275 C CB  . ASN A 1 36 ? -10.194 -7.715  -2.021  1.00 32.23 ? 492 ASN A CB  1 
ATOM   276 C CG  . ASN A 1 36 ? -10.944 -9.016  -2.238  1.00 88.99 ? 492 ASN A CG  1 
ATOM   277 O OD1 . ASN A 1 36 ? -12.149 -9.015  -2.489  1.00 99.72 ? 492 ASN A OD1 1 
ATOM   278 N ND2 . ASN A 1 36 ? -10.234 -10.134 -2.146  1.00 90.17 ? 492 ASN A ND2 1 
ATOM   279 N N   . ASP A 1 37 ? -8.161  -5.687  -0.858  1.00 23.49 ? 493 ASP A N   1 
ATOM   280 C CA  . ASP A 1 37 ? -7.481  -4.397  -0.944  1.00 17.63 ? 493 ASP A CA  1 
ATOM   281 C C   . ASP A 1 37 ? -5.987  -4.520  -0.679  1.00 14.49 ? 493 ASP A C   1 
ATOM   282 O O   . ASP A 1 37 ? -5.193  -3.742  -1.199  1.00 20.55 ? 493 ASP A O   1 
ATOM   283 C CB  . ASP A 1 37 ? -8.104  -3.398  0.031   1.00 19.51 ? 493 ASP A CB  1 
ATOM   284 C CG  . ASP A 1 37 ? -9.415  -2.832  -0.482  1.00 34.18 ? 493 ASP A CG  1 
ATOM   285 O OD1 . ASP A 1 37 ? -9.846  -3.235  -1.582  1.00 24.28 ? 493 ASP A OD1 1 
ATOM   286 O OD2 . ASP A 1 37 ? -10.010 -1.985  0.208   1.00 25.28 ? 493 ASP A OD2 1 
ATOM   287 N N   . LEU A 1 38 ? -5.605  -5.505  0.127   1.00 14.45 ? 494 LEU A N   1 
ATOM   288 C CA  . LEU A 1 38 ? -4.198  -5.700  0.428   1.00 16.27 ? 494 LEU A CA  1 
ATOM   289 C C   . LEU A 1 38 ? -3.512  -6.209  -0.842  1.00 19.15 ? 494 LEU A C   1 
ATOM   290 O O   . LEU A 1 38 ? -2.378  -5.838  -1.145  1.00 17.68 ? 494 LEU A O   1 
ATOM   291 C CB  . LEU A 1 38 ? -4.041  -6.714  1.566   1.00 20.67 ? 494 LEU A CB  1 
ATOM   292 C CG  . LEU A 1 38 ? -2.696  -6.714  2.289   1.00 33.09 ? 494 LEU A CG  1 
ATOM   293 C CD1 . LEU A 1 38 ? -2.472  -5.343  2.915   1.00 25.95 ? 494 LEU A CD1 1 
ATOM   294 C CD2 . LEU A 1 38 ? -2.675  -7.813  3.356   1.00 38.82 ? 494 LEU A CD2 1 
ATOM   295 N N   . ALA A 1 39 ? -4.225  -7.055  -1.586  1.00 18.21 ? 495 ALA A N   1 
ATOM   296 C CA  . ALA A 1 39 ? -3.707  -7.619  -2.826  1.00 22.01 ? 495 ALA A CA  1 
ATOM   297 C C   . ALA A 1 39 ? -3.549  -6.511  -3.865  1.00 18.88 ? 495 ALA A C   1 
ATOM   298 O O   . ALA A 1 39 ? -2.564  -6.475  -4.609  1.00 14.94 ? 495 ALA A O   1 
ATOM   299 C CB  . ALA A 1 39 ? -4.653  -8.705  -3.340  1.00 22.93 ? 495 ALA A CB  1 
ATOM   300 N N   . LYS A 1 40 ? -4.520  -5.602  -3.906  1.00 18.81 ? 496 LYS A N   1 
ATOM   301 C CA  . LYS A 1 40 ? -4.461  -4.479  -4.838  1.00 23.14 ? 496 LYS A CA  1 
ATOM   302 C C   . LYS A 1 40 ? -3.315  -3.551  -4.431  1.00 25.74 ? 496 LYS A C   1 
ATOM   303 O O   . LYS A 1 40 ? -2.640  -2.970  -5.277  1.00 19.23 ? 496 LYS A O   1 
ATOM   304 C CB  . LYS A 1 40 ? -5.787  -3.710  -4.829  1.00 24.75 ? 496 LYS A CB  1 
ATOM   305 C CG  . LYS A 1 40 ? -5.890  -2.634  -5.893  1.00 60.34 ? 496 LYS A CG  1 
ATOM   306 C CD  . LYS A 1 40 ? -7.294  -2.056  -5.947  1.00 99.72 ? 496 LYS A CD  1 
ATOM   307 C CE  . LYS A 1 40 ? -7.438  -1.045  -7.073  1.00 99.72 ? 496 LYS A CE  1 
ATOM   308 N NZ  . LYS A 1 40 ? -8.824  -0.504  -7.160  1.00 99.72 ? 496 LYS A NZ  1 
ATOM   309 N N   . PHE A 1 41 ? -3.101  -3.424  -3.126  1.00 21.43 ? 497 PHE A N   1 
ATOM   310 C CA  . PHE A 1 41 ? -2.031  -2.577  -2.604  1.00 17.38 ? 497 PHE A CA  1 
ATOM   311 C C   . PHE A 1 41 ? -0.687  -3.120  -3.077  1.00 17.20 ? 497 PHE A C   1 
ATOM   312 O O   . PHE A 1 41 ? 0.166   -2.382  -3.564  1.00 19.32 ? 497 PHE A O   1 
ATOM   313 C CB  . PHE A 1 41 ? -2.064  -2.570  -1.072  1.00 18.46 ? 497 PHE A CB  1 
ATOM   314 C CG  . PHE A 1 41 ? -1.061  -1.638  -0.447  1.00 23.31 ? 497 PHE A CG  1 
ATOM   315 C CD1 . PHE A 1 41 ? -1.439  -0.366  -0.036  1.00 17.99 ? 497 PHE A CD1 1 
ATOM   316 C CD2 . PHE A 1 41 ? 0.258   -2.034  -0.266  1.00 27.51 ? 497 PHE A CD2 1 
ATOM   317 C CE1 . PHE A 1 41 ? -0.513  0.504   0.555   1.00 17.47 ? 497 PHE A CE1 1 
ATOM   318 C CE2 . PHE A 1 41 ? 1.192   -1.173  0.322   1.00 26.80 ? 497 PHE A CE2 1 
ATOM   319 C CZ  . PHE A 1 41 ? 0.802   0.096   0.732   1.00 19.68 ? 497 PHE A CZ  1 
ATOM   320 N N   . HIS A 1 42 ? -0.516  -4.427  -2.927  1.00 15.42 ? 498 HIS A N   1 
ATOM   321 C CA  . HIS A 1 42 ? 0.705   -5.102  -3.331  1.00 19.86 ? 498 HIS A CA  1 
ATOM   322 C C   . HIS A 1 42 ? 0.974   -4.906  -4.833  1.00 20.98 ? 498 HIS A C   1 
ATOM   323 O O   . HIS A 1 42 ? 2.112   -4.669  -5.248  1.00 18.19 ? 498 HIS A O   1 
ATOM   324 C CB  . HIS A 1 42 ? 0.585   -6.592  -3.002  1.00 18.01 ? 498 HIS A CB  1 
ATOM   325 C CG  . HIS A 1 42 ? 1.883   -7.336  -3.068  1.00 22.96 ? 498 HIS A CG  1 
ATOM   326 N ND1 . HIS A 1 42 ? 1.982   -8.680  -2.783  1.00 25.72 ? 498 HIS A ND1 1 
ATOM   327 C CD2 . HIS A 1 42 ? 3.135   -6.926  -3.382  1.00 28.48 ? 498 HIS A CD2 1 
ATOM   328 C CE1 . HIS A 1 42 ? 3.237   -9.067  -2.920  1.00 25.34 ? 498 HIS A CE1 1 
ATOM   329 N NE2 . HIS A 1 42 ? 3.958   -8.021  -3.283  1.00 29.09 ? 498 HIS A NE2 1 
ATOM   330 N N   . GLN A 1 43 ? -0.075  -4.999  -5.639  1.00 17.76 ? 499 GLN A N   1 
ATOM   331 C CA  . GLN A 1 43 ? 0.072   -4.842  -7.081  1.00 22.92 ? 499 GLN A CA  1 
ATOM   332 C C   . GLN A 1 43 ? 0.567   -3.446  -7.460  1.00 26.45 ? 499 GLN A C   1 
ATOM   333 O O   . GLN A 1 43 ? 1.508   -3.308  -8.237  1.00 25.58 ? 499 GLN A O   1 
ATOM   334 C CB  . GLN A 1 43 ? -1.259  -5.144  -7.780  1.00 31.49 ? 499 GLN A CB  1 
ATOM   335 C CG  . GLN A 1 43 ? -1.222  -4.993  -9.290  1.00 48.64 ? 499 GLN A CG  1 
ATOM   336 C CD  . GLN A 1 43 ? -2.479  -5.520  -9.959  1.00 86.89 ? 499 GLN A CD  1 
ATOM   337 O OE1 . GLN A 1 43 ? -2.663  -5.364  -11.167 1.00 99.72 ? 499 GLN A OE1 1 
ATOM   338 N NE2 . GLN A 1 43 ? -3.348  -6.153  -9.179  1.00 78.60 ? 499 GLN A NE2 1 
ATOM   339 N N   . MET A 1 44 ? -0.054  -2.412  -6.900  1.00 21.00 ? 500 MET A N   1 
ATOM   340 C CA  . MET A 1 44 ? 0.357   -1.044  -7.198  1.00 19.95 ? 500 MET A CA  1 
ATOM   341 C C   . MET A 1 44 ? 1.754   -0.772  -6.659  1.00 21.76 ? 500 MET A C   1 
ATOM   342 O O   . MET A 1 44 ? 2.539   -0.052  -7.275  1.00 26.04 ? 500 MET A O   1 
ATOM   343 C CB  . MET A 1 44 ? -0.635  -0.042  -6.604  1.00 29.83 ? 500 MET A CB  1 
ATOM   344 C CG  . MET A 1 44 ? -2.078  -0.299  -7.022  1.00 46.59 ? 500 MET A CG  1 
ATOM   345 S SD  . MET A 1 44 ? -3.178  1.090   -6.675  1.00 58.75 ? 500 MET A SD  1 
ATOM   346 C CE  . MET A 1 44 ? -3.250  1.833   -8.292  1.00 63.42 ? 500 MET A CE  1 
ATOM   347 N N   . LEU A 1 45 ? 2.056   -1.357  -5.504  1.00 18.80 ? 501 LEU A N   1 
ATOM   348 C CA  . LEU A 1 45 ? 3.363   -1.202  -4.887  1.00 14.00 ? 501 LEU A CA  1 
ATOM   349 C C   . LEU A 1 45 ? 4.455   -1.693  -5.842  1.00 24.18 ? 501 LEU A C   1 
ATOM   350 O O   . LEU A 1 45 ? 5.532   -1.094  -5.935  1.00 21.95 ? 501 LEU A O   1 
ATOM   351 C CB  . LEU A 1 45 ? 3.435   -2.005  -3.580  1.00 12.71 ? 501 LEU A CB  1 
ATOM   352 C CG  . LEU A 1 45 ? 4.837   -2.065  -2.959  1.00 20.86 ? 501 LEU A CG  1 
ATOM   353 C CD1 . LEU A 1 45 ? 5.241   -0.676  -2.516  1.00 24.55 ? 501 LEU A CD1 1 
ATOM   354 C CD2 . LEU A 1 45 ? 4.866   -3.037  -1.778  1.00 19.42 ? 501 LEU A CD2 1 
ATOM   355 N N   . MET A 1 46 ? 4.179   -2.791  -6.540  1.00 23.27 ? 502 MET A N   1 
ATOM   356 C CA  . MET A 1 46 ? 5.140   -3.355  -7.482  1.00 24.74 ? 502 MET A CA  1 
ATOM   357 C C   . MET A 1 46 ? 5.480   -2.362  -8.592  1.00 33.30 ? 502 MET A C   1 
ATOM   358 O O   . MET A 1 46 ? 6.630   -2.266  -9.011  1.00 30.69 ? 502 MET A O   1 
ATOM   359 C CB  . MET A 1 46 ? 4.596   -4.649  -8.097  1.00 25.38 ? 502 MET A CB  1 
ATOM   360 C CG  . MET A 1 46 ? 4.540   -5.820  -7.131  1.00 26.73 ? 502 MET A CG  1 
ATOM   361 S SD  . MET A 1 46 ? 6.156   -6.200  -6.424  1.00 33.40 ? 502 MET A SD  1 
ATOM   362 C CE  . MET A 1 46 ? 7.028   -6.813  -7.887  1.00 34.77 ? 502 MET A CE  1 
ATOM   363 N N   . LYS A 1 47 ? 4.473   -1.629  -9.058  1.00 27.40 ? 503 LYS A N   1 
ATOM   364 C CA  . LYS A 1 47 ? 4.667   -0.643  -10.115 1.00 29.87 ? 503 LYS A CA  1 
ATOM   365 C C   . LYS A 1 47 ? 5.563   0.493   -9.647  1.00 39.63 ? 503 LYS A C   1 
ATOM   366 O O   . LYS A 1 47 ? 6.312   1.067   -10.435 1.00 36.67 ? 503 LYS A O   1 
ATOM   367 C CB  . LYS A 1 47 ? 3.316   -0.083  -10.577 1.00 33.65 ? 503 LYS A CB  1 
ATOM   368 C CG  . LYS A 1 47 ? 2.416   -1.123  -11.228 1.00 51.78 ? 503 LYS A CG  1 
ATOM   369 C CD  . LYS A 1 47 ? 1.099   -0.528  -11.693 1.00 91.67 ? 503 LYS A CD  1 
ATOM   370 C CE  . LYS A 1 47 ? 0.220   -1.589  -12.338 1.00 99.72 ? 503 LYS A CE  1 
ATOM   371 N NZ  . LYS A 1 47 ? -1.085  -1.038  -12.798 1.00 99.72 ? 503 LYS A NZ  1 
ATOM   372 N N   . ILE A 1 48 ? 5.490   0.807   -8.357  1.00 32.57 ? 504 ILE A N   1 
ATOM   373 C CA  . ILE A 1 48 ? 6.302   1.872   -7.782  1.00 29.38 ? 504 ILE A CA  1 
ATOM   374 C C   . ILE A 1 48 ? 7.730   1.394   -7.539  1.00 32.95 ? 504 ILE A C   1 
ATOM   375 O O   . ILE A 1 48 ? 8.691   2.127   -7.778  1.00 37.02 ? 504 ILE A O   1 
ATOM   376 C CB  . ILE A 1 48 ? 5.717   2.354   -6.439  1.00 34.05 ? 504 ILE A CB  1 
ATOM   377 C CG1 . ILE A 1 48 ? 4.293   2.870   -6.644  1.00 31.70 ? 504 ILE A CG1 1 
ATOM   378 C CG2 . ILE A 1 48 ? 6.597   3.445   -5.851  1.00 38.60 ? 504 ILE A CG2 1 
ATOM   379 C CD1 . ILE A 1 48 ? 3.609   3.297   -5.368  1.00 30.69 ? 504 ILE A CD1 1 
ATOM   380 N N   . ILE A 1 49 ? 7.861   0.162   -7.062  1.00 25.68 ? 505 ILE A N   1 
ATOM   381 C CA  . ILE A 1 49 ? 9.166   -0.418  -6.773  1.00 33.73 ? 505 ILE A CA  1 
ATOM   382 C C   . ILE A 1 49 ? 9.996   -0.615  -8.037  1.00 43.49 ? 505 ILE A C   1 
ATOM   383 O O   . ILE A 1 49 ? 11.226  -0.580  -7.989  1.00 56.40 ? 505 ILE A O   1 
ATOM   384 C CB  . ILE A 1 49 ? 9.024   -1.780  -6.056  1.00 42.30 ? 505 ILE A CB  1 
ATOM   385 C CG1 . ILE A 1 49 ? 8.228   -1.609  -4.761  1.00 38.48 ? 505 ILE A CG1 1 
ATOM   386 C CG2 . ILE A 1 49 ? 10.399  -2.364  -5.763  1.00 58.81 ? 505 ILE A CG2 1 
ATOM   387 C CD1 . ILE A 1 49 ? 8.790   -0.568  -3.809  1.00 35.85 ? 505 ILE A CD1 1 
ATOM   388 N N   . MET A 1 50 ? 9.324   -0.813  -9.167  1.00 41.18 ? 506 MET A N   1 
ATOM   389 C CA  . MET A 1 50 ? 10.018  -1.017  -10.433 1.00 64.18 ? 506 MET A CA  1 
ATOM   390 C C   . MET A 1 50 ? 10.185  0.285   -11.216 1.00 89.99 ? 506 MET A C   1 
ATOM   391 O O   . MET A 1 50 ? 11.344  0.641   -11.516 1.00 88.60 ? 506 MET A O   1 
ATOM   392 C CB  . MET A 1 50 ? 9.269   -2.042  -11.287 1.00 68.63 ? 506 MET A CB  1 
ATOM   393 C CG  . MET A 1 50 ? 8.952   -3.336  -10.550 1.00 78.12 ? 506 MET A CG  1 
ATOM   394 S SD  . MET A 1 50 ? 10.378  -4.031  -9.685  1.00 87.56 ? 506 MET A SD  1 
ATOM   395 C CE  . MET A 1 50 ? 11.062  -5.094  -10.958 1.00 78.24 ? 506 MET A CE  1 
ATOM   396 N N   . GLY B 2 7  ? -18.278 0.023   9.519   0.50 99.72 ? 484 GLY L N   1 
ATOM   397 C CA  . GLY B 2 7  ? -18.339 -0.983  8.422   0.50 99.72 ? 484 GLY L CA  1 
ATOM   398 C C   . GLY B 2 7  ? -17.767 -0.458  7.120   0.50 95.32 ? 484 GLY L C   1 
ATOM   399 O O   . GLY B 2 7  ? -16.640 -0.790  6.749   0.50 90.93 ? 484 GLY L O   1 
ATOM   400 N N   . SER B 2 8  ? -18.544 0.364   6.423   1.00 89.75 ? 485 SER L N   1 
ATOM   401 C CA  . SER B 2 8  ? -18.108 0.938   5.156   1.00 89.48 ? 485 SER L CA  1 
ATOM   402 C C   . SER B 2 8  ? -17.068 2.032   5.373   1.00 88.48 ? 485 SER L C   1 
ATOM   403 O O   . SER B 2 8  ? -16.351 2.407   4.446   1.00 93.98 ? 485 SER L O   1 
ATOM   404 C CB  . SER B 2 8  ? -19.305 1.504   4.390   1.00 96.26 ? 485 SER L CB  1 
ATOM   405 O OG  . SER B 2 8  ? -20.210 0.474   4.029   1.00 99.72 ? 485 SER L OG  1 
ATOM   406 N N   . GLN C 3 1  ? -16.990 2.546   6.597   1.00 74.03 ? 486 GLN B N   1 
ATOM   407 C CA  . GLN C 3 1  ? -16.020 3.586   6.915   1.00 67.23 ? 486 GLN B CA  1 
ATOM   408 C C   . GLN C 3 1  ? -14.616 2.998   6.802   1.00 55.55 ? 486 GLN B C   1 
ATOM   409 O O   . GLN C 3 1  ? -13.690 3.660   6.336   1.00 53.86 ? 486 GLN B O   1 
ATOM   410 C CB  . GLN C 3 1  ? -16.252 4.124   8.329   0.50 65.28 ? 486 GLN B CB  1 
ATOM   411 C CG  . GLN C 3 1  ? -17.601 4.801   8.517   0.50 64.20 ? 486 GLN B CG  1 
ATOM   412 C CD  . GLN C 3 1  ? -17.769 5.398   9.900   0.50 99.72 ? 486 GLN B CD  1 
ATOM   413 O OE1 . GLN C 3 1  ? -17.693 4.694   10.907  0.50 86.51 ? 486 GLN B OE1 1 
ATOM   414 N NE2 . GLN C 3 1  ? -18.002 6.704   9.957   0.50 99.72 ? 486 GLN B NE2 1 
ATOM   415 N N   . ASP C 3 2  ? -14.470 1.750   7.234   1.00 40.83 ? 487 ASP B N   1 
ATOM   416 C CA  . ASP C 3 2  ? -13.187 1.065   7.164   1.00 43.00 ? 487 ASP B CA  1 
ATOM   417 C C   . ASP C 3 2  ? -12.842 0.794   5.704   1.00 43.54 ? 487 ASP B C   1 
ATOM   418 O O   . ASP C 3 2  ? -11.704 0.982   5.282   1.00 45.93 ? 487 ASP B O   1 
ATOM   419 C CB  . ASP C 3 2  ? -13.241 -0.255  7.936   1.00 44.24 ? 487 ASP B CB  1 
ATOM   420 C CG  . ASP C 3 2  ? -13.390 -0.052  9.429   1.00 84.35 ? 487 ASP B CG  1 
ATOM   421 O OD1 . ASP C 3 2  ? -12.529 0.628   10.025  1.00 92.52 ? 487 ASP B OD1 1 
ATOM   422 O OD2 . ASP C 3 2  ? -14.365 -0.577  10.006  1.00 99.72 ? 487 ASP B OD2 1 
ATOM   423 N N   . SER C 3 3  ? -13.838 0.360   4.936   1.00 35.49 ? 488 SER B N   1 
ATOM   424 C CA  . SER C 3 3  ? -13.639 0.070   3.522   1.00 32.04 ? 488 SER B CA  1 
ATOM   425 C C   . SER C 3 3  ? -13.374 1.347   2.730   1.00 32.29 ? 488 SER B C   1 
ATOM   426 O O   . SER C 3 3  ? -12.542 1.353   1.820   1.00 39.69 ? 488 SER B O   1 
ATOM   427 C CB  . SER C 3 3  ? -14.864 -0.649  2.943   1.00 36.38 ? 488 SER B CB  1 
ATOM   428 O OG  . SER C 3 3  ? -16.014 0.178   2.990   1.00 58.34 ? 488 SER B OG  1 
ATOM   429 N N   . ARG C 3 4  ? -14.075 2.427   3.071   1.00 33.49 ? 489 ARG B N   1 
ATOM   430 C CA  . ARG C 3 4  ? -13.889 3.692   2.366   1.00 32.86 ? 489 ARG B CA  1 
ATOM   431 C C   . ARG C 3 4  ? -12.487 4.233   2.630   1.00 33.64 ? 489 ARG B C   1 
ATOM   432 O O   . ARG C 3 4  ? -11.842 4.773   1.735   1.00 25.61 ? 489 ARG B O   1 
ATOM   433 C CB  . ARG C 3 4  ? -14.930 4.727   2.808   0.50 26.91 ? 489 ARG B CB  1 
ATOM   434 C CG  . ARG C 3 4  ? -14.759 5.231   4.227   0.50 66.44 ? 489 ARG B CG  1 
ATOM   435 C CD  . ARG C 3 4  ? -15.743 6.343   4.546   0.50 99.72 ? 489 ARG B CD  1 
ATOM   436 N NE  . ARG C 3 4  ? -15.543 6.873   5.892   0.50 99.72 ? 489 ARG B NE  1 
ATOM   437 C CZ  . ARG C 3 4  ? -16.236 7.882   6.408   0.50 99.72 ? 489 ARG B CZ  1 
ATOM   438 N NH1 . ARG C 3 4  ? -17.179 8.478   5.692   0.50 99.72 ? 489 ARG B NH1 1 
ATOM   439 N NH2 . ARG C 3 4  ? -15.984 8.296   7.642   0.50 99.72 ? 489 ARG B NH2 1 
ATOM   440 N N   . ARG C 3 5  ? -12.024 4.085   3.867   1.00 32.52 ? 490 ARG B N   1 
ATOM   441 C CA  . ARG C 3 5  ? -10.692 4.542   4.235   1.00 33.26 ? 490 ARG B CA  1 
ATOM   442 C C   . ARG C 3 5  ? -9.670  3.734   3.438   1.00 27.13 ? 490 ARG B C   1 
ATOM   443 O O   . ARG C 3 5  ? -8.664  4.265   2.976   1.00 23.82 ? 490 ARG B O   1 
ATOM   444 C CB  . ARG C 3 5  ? -10.459 4.326   5.729   1.00 38.38 ? 490 ARG B CB  1 
ATOM   445 C CG  . ARG C 3 5  ? -9.127  4.836   6.241   1.00 71.35 ? 490 ARG B CG  1 
ATOM   446 C CD  . ARG C 3 5  ? -8.757  4.108   7.516   1.00 89.33 ? 490 ARG B CD  1 
ATOM   447 N NE  . ARG C 3 5  ? -9.860  4.097   8.471   1.00 99.72 ? 490 ARG B NE  1 
ATOM   448 C CZ  . ARG C 3 5  ? -9.970  3.228   9.469   1.00 99.72 ? 490 ARG B CZ  1 
ATOM   449 N NH1 . ARG C 3 5  ? -9.042  2.296   9.641   1.00 99.72 ? 490 ARG B NH1 1 
ATOM   450 N NH2 . ARG C 3 5  ? -11.009 3.283   10.291  1.00 99.72 ? 490 ARG B NH2 1 
ATOM   451 N N   . SER C 3 6  ? -9.942  2.441   3.291   1.00 19.81 ? 491 SER B N   1 
ATOM   452 C CA  . SER C 3 6  ? -9.063  1.546   2.546   1.00 19.15 ? 491 SER B CA  1 
ATOM   453 C C   . SER C 3 6  ? -9.090  1.933   1.060   1.00 26.04 ? 491 SER B C   1 
ATOM   454 O O   . SER C 3 6  ? -8.062  1.925   0.387   1.00 18.10 ? 491 SER B O   1 
ATOM   455 C CB  . SER C 3 6  ? -9.527  0.093   2.732   1.00 18.34 ? 491 SER B CB  1 
ATOM   456 O OG  . SER C 3 6  ? -8.641  -0.819  2.118   1.00 18.55 ? 491 SER B OG  1 
ATOM   457 N N   . ALA C 3 7  ? -10.270 2.280   0.554   1.00 26.09 ? 492 ALA B N   1 
ATOM   458 C CA  . ALA C 3 7  ? -10.406 2.676   -0.849  1.00 25.24 ? 492 ALA B CA  1 
ATOM   459 C C   . ALA C 3 7  ? -9.625  3.967   -1.108  1.00 22.12 ? 492 ALA B C   1 
ATOM   460 O O   . ALA C 3 7  ? -8.963  4.113   -2.131  1.00 24.08 ? 492 ALA B O   1 
ATOM   461 C CB  . ALA C 3 7  ? -11.883 2.868   -1.201  1.00 30.08 ? 492 ALA B CB  1 
ATOM   462 N N   . ASP C 3 8  ? -9.697  4.900   -0.166  1.00 20.72 ? 493 ASP B N   1 
ATOM   463 C CA  . ASP C 3 8  ? -8.981  6.162   -0.293  1.00 19.60 ? 493 ASP B CA  1 
ATOM   464 C C   . ASP C 3 8  ? -7.468  5.940   -0.247  1.00 19.89 ? 493 ASP B C   1 
ATOM   465 O O   . ASP C 3 8  ? -6.713  6.639   -0.927  1.00 23.68 ? 493 ASP B O   1 
ATOM   466 C CB  . ASP C 3 8  ? -9.395  7.122   0.829   1.00 26.77 ? 493 ASP B CB  1 
ATOM   467 C CG  . ASP C 3 8  ? -8.712  8.471   0.724   1.00 74.96 ? 493 ASP B CG  1 
ATOM   468 O OD1 . ASP C 3 8  ? -7.474  8.528   0.874   1.00 95.34 ? 493 ASP B OD1 1 
ATOM   469 O OD2 . ASP C 3 8  ? -9.415  9.476   0.491   1.00 83.92 ? 493 ASP B OD2 1 
ATOM   470 N N   . ALA C 3 9  ? -7.022  4.984   0.570   1.00 20.07 ? 494 ALA B N   1 
ATOM   471 C CA  . ALA C 3 9  ? -5.589  4.697   0.669   1.00 17.39 ? 494 ALA B CA  1 
ATOM   472 C C   . ALA C 3 9  ? -5.087  4.189   -0.678  1.00 16.10 ? 494 ALA B C   1 
ATOM   473 O O   . ALA C 3 9  ? -3.993  4.544   -1.118  1.00 16.61 ? 494 ALA B O   1 
ATOM   474 C CB  . ALA C 3 9  ? -5.315  3.646   1.767   1.00 17.04 ? 494 ALA B CB  1 
ATOM   475 N N   . LEU C 3 10 ? -5.887  3.348   -1.330  1.00 22.22 ? 495 LEU B N   1 
ATOM   476 C CA  . LEU C 3 10 ? -5.511  2.817   -2.639  1.00 24.69 ? 495 LEU B CA  1 
ATOM   477 C C   . LEU C 3 10 ? -5.456  3.943   -3.680  1.00 18.06 ? 495 LEU B C   1 
ATOM   478 O O   . LEU C 3 10 ? -4.617  3.928   -4.579  1.00 19.94 ? 495 LEU B O   1 
ATOM   479 C CB  . LEU C 3 10 ? -6.505  1.727   -3.076  1.00 25.13 ? 495 LEU B CB  1 
ATOM   480 C CG  . LEU C 3 10 ? -6.400  0.416   -2.285  1.00 26.30 ? 495 LEU B CG  1 
ATOM   481 C CD1 . LEU C 3 10 ? -7.593  -0.493  -2.596  1.00 25.95 ? 495 LEU B CD1 1 
ATOM   482 C CD2 . LEU C 3 10 ? -5.081  -0.276  -2.631  1.00 23.03 ? 495 LEU B CD2 1 
ATOM   483 N N   . LEU C 3 11 ? -6.355  4.915   -3.555  1.00 18.06 ? 496 LEU B N   1 
ATOM   484 C CA  . LEU C 3 11 ? -6.376  6.054   -4.477  1.00 20.69 ? 496 LEU B CA  1 
ATOM   485 C C   . LEU C 3 11 ? -5.116  6.890   -4.265  1.00 27.42 ? 496 LEU B C   1 
ATOM   486 O O   . LEU C 3 11 ? -4.516  7.383   -5.214  1.00 22.23 ? 496 LEU B O   1 
ATOM   487 C CB  . LEU C 3 11 ? -7.612  6.924   -4.235  1.00 26.67 ? 496 LEU B CB  1 
ATOM   488 C CG  . LEU C 3 11 ? -8.964  6.265   -4.523  1.00 48.90 ? 496 LEU B CG  1 
ATOM   489 C CD1 . LEU C 3 11 ? -10.091 7.236   -4.198  1.00 50.24 ? 496 LEU B CD1 1 
ATOM   490 C CD2 . LEU C 3 11 ? -9.026  5.846   -5.986  1.00 64.90 ? 496 LEU B CD2 1 
ATOM   491 N N   . ARG C 3 12 ? -4.717  7.046   -3.008  1.00 19.85 ? 497 ARG B N   1 
ATOM   492 C CA  . ARG C 3 12 ? -3.518  7.818   -2.708  1.00 21.24 ? 497 ARG B CA  1 
ATOM   493 C C   . ARG C 3 12 ? -2.290  7.079   -3.219  1.00 21.24 ? 497 ARG B C   1 
ATOM   494 O O   . ARG C 3 12 ? -1.339  7.691   -3.699  1.00 24.74 ? 497 ARG B O   1 
ATOM   495 C CB  . ARG C 3 12 ? -3.414  8.060   -1.205  1.00 22.92 ? 497 ARG B CB  1 
ATOM   496 C CG  . ARG C 3 12 ? -4.630  8.778   -0.670  1.00 22.45 ? 497 ARG B CG  1 
ATOM   497 C CD  . ARG C 3 12 ? -4.302  9.656   0.520   1.00 57.33 ? 497 ARG B CD  1 
ATOM   498 N NE  . ARG C 3 12 ? -5.427  10.524  0.859   1.00 57.18 ? 497 ARG B NE  1 
ATOM   499 C CZ  . ARG C 3 12 ? -5.340  11.589  1.648   1.00 85.67 ? 497 ARG B CZ  1 
ATOM   500 N NH1 . ARG C 3 12 ? -4.175  11.923  2.186   1.00 34.05 ? 497 ARG B NH1 1 
ATOM   501 N NH2 . ARG C 3 12 ? -6.416  12.324  1.895   1.00 52.25 ? 497 ARG B NH2 1 
ATOM   502 N N   . LEU C 3 13 ? -2.329  5.756   -3.123  1.00 20.88 ? 498 LEU B N   1 
ATOM   503 C CA  . LEU C 3 13 ? -1.232  4.920   -3.593  1.00 21.36 ? 498 LEU B CA  1 
ATOM   504 C C   . LEU C 3 13 ? -1.138  5.016   -5.112  1.00 24.44 ? 498 LEU B C   1 
ATOM   505 O O   . LEU C 3 13 ? -0.045  5.105   -5.681  1.00 20.08 ? 498 LEU B O   1 
ATOM   506 C CB  . LEU C 3 13 ? -1.477  3.465   -3.187  1.00 19.59 ? 498 LEU B CB  1 
ATOM   507 C CG  . LEU C 3 13 ? -0.467  2.429   -3.665  1.00 24.84 ? 498 LEU B CG  1 
ATOM   508 C CD1 . LEU C 3 13 ? 0.909   2.803   -3.169  1.00 24.15 ? 498 LEU B CD1 1 
ATOM   509 C CD2 . LEU C 3 13 ? -0.866  1.042   -3.146  1.00 24.40 ? 498 LEU B CD2 1 
ATOM   510 N N   . GLN C 3 14 ? -2.296  5.000   -5.761  1.00 20.45 ? 499 GLN B N   1 
ATOM   511 C CA  . GLN C 3 14 ? -2.361  5.084   -7.214  1.00 22.33 ? 499 GLN B CA  1 
ATOM   512 C C   . GLN C 3 14 ? -1.718  6.382   -7.701  1.00 35.73 ? 499 GLN B C   1 
ATOM   513 O O   . GLN C 3 14 ? -1.011  6.397   -8.712  1.00 31.83 ? 499 GLN B O   1 
ATOM   514 C CB  . GLN C 3 14 ? -3.820  5.031   -7.679  1.00 22.03 ? 499 GLN B CB  1 
ATOM   515 C CG  . GLN C 3 14 ? -3.978  5.018   -9.191  1.00 42.96 ? 499 GLN B CG  1 
ATOM   516 C CD  . GLN C 3 14 ? -5.427  4.918   -9.632  1.00 81.95 ? 499 GLN B CD  1 
ATOM   517 O OE1 . GLN C 3 14 ? -5.724  4.918   -10.826 1.00 99.72 ? 499 GLN B OE1 1 
ATOM   518 N NE2 . GLN C 3 14 ? -6.336  4.832   -8.669  1.00 60.25 ? 499 GLN B NE2 1 
ATOM   519 N N   . ALA C 3 15 ? -1.965  7.465   -6.968  1.00 30.59 ? 500 ALA B N   1 
ATOM   520 C CA  . ALA C 3 15 ? -1.421  8.771   -7.318  1.00 29.42 ? 500 ALA B CA  1 
ATOM   521 C C   . ALA C 3 15 ? 0.095   8.795   -7.192  1.00 31.77 ? 500 ALA B C   1 
ATOM   522 O O   . ALA C 3 15 ? 0.766   9.521   -7.916  1.00 35.79 ? 500 ALA B O   1 
ATOM   523 C CB  . ALA C 3 15 ? -2.039  9.853   -6.436  1.00 30.74 ? 500 ALA B CB  1 
ATOM   524 N N   . MET C 3 16 ? 0.635   8.001   -6.271  1.00 27.25 ? 501 MET B N   1 
ATOM   525 C CA  . MET C 3 16 ? 2.083   7.950   -6.087  1.00 29.75 ? 501 MET B CA  1 
ATOM   526 C C   . MET C 3 16 ? 2.721   7.168   -7.218  1.00 32.52 ? 501 MET B C   1 
ATOM   527 O O   . MET C 3 16 ? 3.863   7.424   -7.598  1.00 42.29 ? 501 MET B O   1 
ATOM   528 C CB  . MET C 3 16 ? 2.446   7.275   -4.765  1.00 36.77 ? 501 MET B CB  1 
ATOM   529 C CG  . MET C 3 16 ? 2.299   8.139   -3.539  1.00 42.73 ? 501 MET B CG  1 
ATOM   530 S SD  . MET C 3 16 ? 2.903   7.247   -2.098  1.00 49.19 ? 501 MET B SD  1 
ATOM   531 C CE  . MET C 3 16 ? 4.646   7.237   -2.415  1.00 42.24 ? 501 MET B CE  1 
ATOM   532 N N   . ALA C 3 17 ? 1.978   6.196   -7.736  1.00 32.84 ? 502 ALA B N   1 
ATOM   533 C CA  . ALA C 3 17 ? 2.449   5.353   -8.824  1.00 35.92 ? 502 ALA B CA  1 
ATOM   534 C C   . ALA C 3 17 ? 2.242   6.058   -10.159 1.00 60.35 ? 502 ALA B C   1 
ATOM   535 O O   . ALA C 3 17 ? 2.746   5.613   -11.189 1.00 62.95 ? 502 ALA B O   1 
ATOM   536 C CB  . ALA C 3 17 ? 1.699   4.026   -8.814  1.00 36.77 ? 502 ALA B CB  1 
ATOM   537 N N   . GLY C 3 18 ? 1.498   7.160   -10.130 1.00 60.88 ? 503 GLY B N   1 
ATOM   538 C CA  . GLY C 3 18 ? 1.231   7.902   -11.348 1.00 66.85 ? 503 GLY B CA  1 
ATOM   539 C C   . GLY C 3 18 ? 0.351   7.107   -12.291 1.00 89.80 ? 503 GLY B C   1 
ATOM   540 O O   . GLY C 3 18 ? 0.590   7.069   -13.498 1.00 99.72 ? 503 GLY B O   1 
ATOM   541 N N   . ILE C 3 19 ? -0.671  6.465   -11.734 1.00 86.45 ? 504 ILE B N   1 
ATOM   542 C CA  . ILE C 3 19 ? -1.597  5.659   -12.519 1.00 86.03 ? 504 ILE B CA  1 
ATOM   543 C C   . ILE C 3 19 ? -2.919  6.393   -12.720 1.00 99.72 ? 504 ILE B C   1 
ATOM   544 O O   . ILE C 3 19 ? -2.948  7.508   -13.242 1.00 99.72 ? 504 ILE B O   1 
ATOM   545 C CB  . ILE C 3 19 ? -1.881  4.313   -11.823 1.00 90.56 ? 504 ILE B CB  1 
ATOM   546 C CG1 . ILE C 3 19 ? -0.565  3.573   -11.570 1.00 90.35 ? 504 ILE B CG1 1 
ATOM   547 C CG2 . ILE C 3 19 ? -2.811  3.467   -12.682 1.00 99.72 ? 504 ILE B CG2 1 
ATOM   548 C CD1 . ILE C 3 19 ? -0.725  2.276   -10.802 1.00 89.40 ? 504 ILE B CD1 1 
HETATM 549 O O   . HOH D 4 .  ? 4.608   -9.247  11.854  1.00 28.34 ? 600 HOH A O   1 
HETATM 550 O O   . HOH D 4 .  ? 1.004   -10.111 8.660   1.00 30.89 ? 601 HOH A O   1 
HETATM 551 O O   . HOH D 4 .  ? 7.525   -6.963  8.296   1.00 28.83 ? 602 HOH A O   1 
HETATM 552 O O   . HOH D 4 .  ? 11.447  -4.589  -2.502  1.00 28.98 ? 603 HOH A O   1 
HETATM 553 O O   . HOH D 4 .  ? -4.392  -10.446 -0.011  1.00 29.30 ? 605 HOH A O   1 
HETATM 554 O O   . HOH D 4 .  ? -10.500 -5.774  0.990   1.00 21.69 ? 606 HOH A O   1 
HETATM 555 O O   . HOH D 4 .  ? -2.120  -10.079 6.533   1.00 43.50 ? 607 HOH A O   1 
HETATM 556 O O   . HOH D 4 .  ? 12.569  13.710  1.172   1.00 33.47 ? 609 HOH A O   1 
HETATM 557 O O   . HOH D 4 .  ? 5.137   5.160   8.795   1.00 57.78 ? 610 HOH A O   1 
HETATM 558 O O   . HOH D 4 .  ? -3.249  9.123   3.613   1.00 60.01 ? 620 HOH A O   1 
HETATM 559 O O   . HOH D 4 .  ? -0.710  -3.094  11.307  1.00 24.11 ? 621 HOH A O   1 
HETATM 560 O O   . HOH D 4 .  ? -0.403  -10.262 -2.305  1.00 27.12 ? 622 HOH A O   1 
HETATM 561 O O   . HOH D 4 .  ? -1.909  -9.473  -0.215  1.00 27.77 ? 623 HOH A O   1 
HETATM 562 O O   . HOH D 4 .  ? 2.294   -14.347 3.332   1.00 23.02 ? 624 HOH A O   1 
HETATM 563 O O   . HOH D 4 .  ? 0.710   -16.574 0.802   1.00 53.88 ? 625 HOH A O   1 
HETATM 564 O O   . HOH D 4 .  ? 5.717   -6.742  10.551  1.00 33.75 ? 627 HOH A O   1 
HETATM 565 O O   . HOH D 4 .  ? 16.088  8.885   1.534   1.00 73.84 ? 628 HOH A O   1 
HETATM 566 O O   . HOH D 4 .  ? 13.504  11.537  3.512   1.00 62.98 ? 629 HOH A O   1 
HETATM 567 O O   . HOH D 4 .  ? -10.837 -10.365 4.014   1.00 55.31 ? 630 HOH A O   1 
HETATM 568 O O   . HOH D 4 .  ? 2.017   -4.916  -10.570 1.00 52.79 ? 631 HOH A O   1 
HETATM 569 O O   . HOH D 4 .  ? -12.090 -2.665  2.461   1.00 45.61 ? 634 HOH A O   1 
HETATM 570 O O   . HOH D 4 .  ? -11.356 -9.052  1.404   1.00 38.46 ? 635 HOH A O   1 
HETATM 571 O O   . HOH D 4 .  ? -1.334  -8.748  -5.614  1.00 40.08 ? 636 HOH A O   1 
HETATM 572 O O   . HOH D 4 .  ? -1.834  -11.777 -4.032  1.00 63.27 ? 637 HOH A O   1 
HETATM 573 O O   . HOH D 4 .  ? -8.610  -8.343  -5.083  1.00 82.95 ? 638 HOH A O   1 
HETATM 574 O O   . HOH E 4 .  ? 4.819   10.338  -7.070  1.00 44.48 ? 618 HOH B O   1 
HETATM 575 O O   . HOH E 4 .  ? -1.179  10.252  -2.348  1.00 34.29 ? 626 HOH B O   1 
HETATM 576 O O   . HOH E 4 .  ? -6.910  6.206   3.672   1.00 59.59 ? 632 HOH B O   1 
# 
